data_6X9K
#
_entry.id   6X9K
#
_cell.length_a   161.318
_cell.length_b   78.336
_cell.length_c   117.068
_cell.angle_alpha   90.000
_cell.angle_beta   125.761
_cell.angle_gamma   90.000
#
_symmetry.space_group_name_H-M   'C 1 2 1'
#
loop_
_entity.id
_entity.type
_entity.pdbx_description
1 polymer 'DNA (cytosine-5)-methyltransferase 1'
2 polymer "DNA (5'-D(*GP*AP*GP*GP*CP*(5CM)P*GP*CP*CP*TP*GP*C)-3')"
3 polymer "DNA (5'-D(*GP*CP*AP*GP*G)-R(P*(PYO))-D(P*GP*GP*CP*CP*TP*C)-3')"
4 non-polymer 'ZINC ION'
5 non-polymer 1,2-ETHANEDIOL
6 non-polymer (2R)-2-{[6-(4-aminopiperidin-1-yl)-3,5-dicyano-4-ethylpyridin-2-yl]sulfanyl}-2-phenylacetamide
7 water water
#
loop_
_entity_poly.entity_id
_entity_poly.type
_entity_poly.pdbx_seq_one_letter_code
_entity_poly.pdbx_strand_id
1 'polypeptide(L)'
;HMNRISWVGEAVKTDGKKSYYKKVCIDAETLEVGDCVSVIPDDSSKPLYLARVTALWEDSSNGQMFHAHWFCAGTDTVLG
ATSDPLELFLVDECEDMQLSYIHSKVKVIYKAPSENWAMEGGMDPESLLEGDDGKTYFYQLWYDQDYARFESPPKTQPTE
DNKFKFCVSCARLAEMRQKEIPRVLEQLEDLDSRVLYYSATKNGILYRVGDGVYLPPEAFTFNIKLSSPVKRPRKEPVDE
DLYPEHYRKYSDYIKGSNLDAPEPYRIGRIKEIFCPKKSNGRPNETDIKIRVNKFYRPENTHKSTPASYHADINLLYWSD
EEAVVDFKAVQGRCTVEYGEDLPECVQVYSMGGPNRFYFLEAYNAKSKSFEDPPNHARSPGNKGKGKGKGKGKPKSQACE
PSEPEIEIKLPKLRTLDVFSGCGGLSEGFHQAGISDTLWAIEMWDPAAQAFRLNNPGSTVFTEDCNILLKLVMAGETTNS
RGQRLPQKGDVEMLCGGPPCQGFSGMNRFNSRTYSKFKNSLVVSFLSYCDYYRPRFFLLENVRNFVSFKRSMVLKLTLRC
LVRMGYQCTFGVLQAGQYGVAQTRRRAIILAAAPGEKLPLFPEPLHVFAPRACQLSVVVDDKKFVSNITRLSSGPFRTIT
VRDTMSDLPEVRNGASALEISYNGEPQSWFQRQLRGAQYQPILRDHICKDMSALVAARMRHIPLAPGSDWRDLPNIEVRL
SDGTMARKLRYTHHDRKNGRSSSGALRGVCSCVEAGKACDPAARQFNTLIPWCLPHTGNRHNHWAGLYGRLEWDGFFSTT
VTNPEPMGKQGRVLHPEQHRVVSVRECARSQGFPDTYRLFGNILDKHRQVGNAVPPPLAKAIGLEIKLCMLAKA
;
A
2 'polydeoxyribonucleotide' (DG)(DA)(DG)(DG)(DC)(5CM)(DG)(DC)(DC)(DT)(DG)(DC) C
3 'polydeoxyribonucleotide' (DG)(DC)(DA)(DG)(DG)(PYO)(DG)(DG)(DC)(DC)(DT)(DC) D
#
# COMPACT_ATOMS: atom_id res chain seq x y z
N ARG A 4 34.78 20.35 41.64
CA ARG A 4 33.89 20.96 40.66
C ARG A 4 32.78 20.00 40.27
N ILE A 5 33.12 18.72 40.17
CA ILE A 5 32.14 17.65 39.93
C ILE A 5 32.23 16.70 41.13
N SER A 6 31.17 16.66 41.92
CA SER A 6 31.20 15.92 43.18
C SER A 6 29.89 15.18 43.42
N TRP A 7 30.00 13.97 43.94
CA TRP A 7 28.80 13.19 44.19
C TRP A 7 28.05 13.73 45.41
N VAL A 8 26.83 13.26 45.59
CA VAL A 8 25.97 13.66 46.70
C VAL A 8 25.63 12.38 47.47
N GLY A 9 26.45 12.07 48.47
CA GLY A 9 26.23 10.92 49.33
C GLY A 9 27.16 9.77 49.03
N GLU A 10 26.80 8.61 49.56
CA GLU A 10 27.51 7.36 49.34
C GLU A 10 26.80 6.55 48.26
N ALA A 11 27.49 5.53 47.77
CA ALA A 11 27.00 4.77 46.62
C ALA A 11 25.81 3.90 46.99
N VAL A 12 24.85 3.80 46.08
CA VAL A 12 23.67 2.97 46.30
C VAL A 12 23.88 1.52 45.85
N LYS A 13 24.73 1.30 44.84
CA LYS A 13 25.00 -0.04 44.35
C LYS A 13 26.29 -0.01 43.54
N THR A 14 27.26 -0.83 43.92
CA THR A 14 28.53 -0.92 43.21
C THR A 14 28.67 -2.31 42.61
N ASP A 15 28.72 -2.38 41.28
CA ASP A 15 28.88 -3.64 40.57
C ASP A 15 30.18 -3.59 39.76
N GLY A 16 31.06 -4.54 40.03
CA GLY A 16 32.31 -4.64 39.30
C GLY A 16 33.18 -3.42 39.40
N LYS A 17 33.27 -2.66 38.31
CA LYS A 17 34.06 -1.43 38.25
C LYS A 17 33.21 -0.17 38.33
N LYS A 18 31.88 -0.29 38.32
CA LYS A 18 30.99 0.87 38.38
C LYS A 18 30.38 1.00 39.76
N SER A 19 30.16 2.26 40.17
CA SER A 19 29.52 2.56 41.45
C SER A 19 28.48 3.65 41.23
N TYR A 20 27.21 3.35 41.55
CA TYR A 20 26.10 4.24 41.21
C TYR A 20 25.75 5.18 42.35
N TYR A 21 25.23 6.36 41.98
CA TYR A 21 24.75 7.36 42.92
C TYR A 21 23.42 7.92 42.42
N LYS A 22 22.73 8.65 43.31
CA LYS A 22 21.42 9.19 42.99
C LYS A 22 21.42 10.67 42.65
N LYS A 23 22.38 11.43 43.17
CA LYS A 23 22.47 12.87 42.93
C LYS A 23 23.93 13.27 42.83
N VAL A 24 24.19 14.27 41.98
CA VAL A 24 25.53 14.76 41.71
C VAL A 24 25.49 16.29 41.67
N CYS A 25 26.67 16.91 41.70
CA CYS A 25 26.81 18.35 41.76
C CYS A 25 27.88 18.81 40.78
N ILE A 26 27.50 19.70 39.87
CA ILE A 26 28.40 20.27 38.85
C ILE A 26 28.34 21.79 38.97
N ASP A 27 29.29 22.36 39.68
CA ASP A 27 29.77 23.74 39.60
C ASP A 27 28.78 24.81 40.05
N ALA A 28 27.48 24.53 39.99
CA ALA A 28 26.50 25.29 40.77
C ALA A 28 25.23 24.48 40.94
N GLU A 29 25.20 23.28 40.37
CA GLU A 29 23.92 22.63 40.12
C GLU A 29 23.94 21.22 40.70
N THR A 30 22.75 20.74 41.05
CA THR A 30 22.57 19.38 41.51
C THR A 30 21.62 18.67 40.57
N LEU A 31 21.98 17.44 40.20
CA LEU A 31 21.22 16.63 39.26
C LEU A 31 20.88 15.30 39.91
N GLU A 32 19.60 14.96 39.91
CA GLU A 32 19.13 13.63 40.28
C GLU A 32 18.67 12.90 39.02
N VAL A 33 18.56 11.58 39.13
CA VAL A 33 18.01 10.79 38.04
C VAL A 33 16.60 11.26 37.75
N GLY A 34 16.32 11.56 36.49
CA GLY A 34 15.03 12.08 36.06
C GLY A 34 15.10 13.49 35.49
N ASP A 35 16.13 14.26 35.82
CA ASP A 35 16.28 15.60 35.28
C ASP A 35 16.74 15.55 33.83
N CYS A 36 16.47 16.62 33.09
CA CYS A 36 16.84 16.73 31.69
C CYS A 36 18.02 17.69 31.53
N VAL A 37 18.95 17.34 30.64
CA VAL A 37 20.18 18.08 30.46
C VAL A 37 20.46 18.27 28.97
N SER A 38 21.44 19.14 28.71
CA SER A 38 21.90 19.50 27.39
C SER A 38 23.35 19.05 27.21
N VAL A 39 23.71 18.73 25.96
CA VAL A 39 25.06 18.33 25.60
C VAL A 39 25.45 18.98 24.29
N ILE A 40 26.67 19.51 24.23
CA ILE A 40 27.17 20.16 23.01
C ILE A 40 27.79 19.10 22.11
N PRO A 41 27.40 19.04 20.83
CA PRO A 41 28.06 18.12 19.90
C PRO A 41 29.48 18.60 19.58
N ASP A 42 30.25 17.69 18.95
CA ASP A 42 31.60 18.05 18.55
C ASP A 42 31.59 19.19 17.53
N ASP A 43 30.53 19.28 16.73
CA ASP A 43 30.33 20.42 15.83
C ASP A 43 29.56 21.48 16.59
N SER A 44 30.23 22.60 16.89
CA SER A 44 29.58 23.68 17.63
C SER A 44 28.51 24.39 16.81
N SER A 45 28.46 24.16 15.49
CA SER A 45 27.41 24.77 14.67
C SER A 45 26.08 24.03 14.79
N LYS A 46 26.12 22.72 15.00
CA LYS A 46 24.90 21.97 15.21
C LYS A 46 24.24 22.38 16.52
N PRO A 47 22.91 22.33 16.61
CA PRO A 47 22.24 22.72 17.85
C PRO A 47 22.55 21.78 19.00
N LEU A 48 22.02 22.11 20.19
CA LEU A 48 22.29 21.30 21.37
C LEU A 48 21.54 19.97 21.30
N TYR A 49 22.17 18.92 21.83
CA TYR A 49 21.48 17.68 22.10
C TYR A 49 20.82 17.76 23.47
N LEU A 50 19.65 17.15 23.60
CA LEU A 50 18.90 17.15 24.85
C LEU A 50 18.59 15.72 25.25
N ALA A 51 18.66 15.43 26.55
CA ALA A 51 18.41 14.05 27.00
C ALA A 51 17.96 14.05 28.45
N ARG A 52 17.24 12.99 28.82
CA ARG A 52 16.88 12.75 30.21
C ARG A 52 17.89 11.83 30.86
N VAL A 53 18.46 12.26 31.99
CA VAL A 53 19.41 11.42 32.72
C VAL A 53 18.64 10.26 33.35
N THR A 54 19.14 9.04 33.17
CA THR A 54 18.49 7.87 33.73
C THR A 54 19.33 7.15 34.77
N ALA A 55 20.64 7.41 34.84
CA ALA A 55 21.50 6.76 35.82
C ALA A 55 22.78 7.58 35.94
N LEU A 56 23.37 7.55 37.13
CA LEU A 56 24.63 8.22 37.43
C LEU A 56 25.55 7.25 38.16
N TRP A 57 26.82 7.24 37.79
CA TRP A 57 27.77 6.32 38.43
C TRP A 57 29.19 6.77 38.14
N GLU A 58 30.15 5.96 38.57
CA GLU A 58 31.56 6.20 38.32
C GLU A 58 32.22 4.89 37.92
N ASP A 59 33.00 4.94 36.84
CA ASP A 59 33.82 3.83 36.36
C ASP A 59 35.24 4.00 36.87
N SER A 60 35.82 2.90 37.37
CA SER A 60 37.11 2.92 38.06
C SER A 60 38.28 3.17 37.12
N SER A 61 38.07 3.21 35.80
CA SER A 61 39.15 3.50 34.88
C SER A 61 38.85 4.65 33.92
N ASN A 62 37.65 5.24 34.01
CA ASN A 62 37.31 6.33 33.11
C ASN A 62 36.62 7.52 33.75
N GLY A 63 36.11 7.42 34.99
CA GLY A 63 35.58 8.57 35.67
C GLY A 63 34.06 8.55 35.78
N GLN A 64 33.51 9.74 36.01
CA GLN A 64 32.09 9.89 36.29
C GLN A 64 31.28 9.77 35.01
N MET A 65 30.22 8.96 35.05
CA MET A 65 29.40 8.64 33.89
C MET A 65 27.94 8.84 34.24
N PHE A 66 27.15 9.06 33.20
CA PHE A 66 25.69 9.08 33.32
C PHE A 66 25.10 8.50 32.05
N HIS A 67 23.89 7.97 32.18
CA HIS A 67 23.17 7.38 31.06
C HIS A 67 22.19 8.41 30.52
N ALA A 68 22.33 8.74 29.23
CA ALA A 68 21.51 9.74 28.57
C ALA A 68 20.54 9.05 27.63
N HIS A 69 19.25 9.29 27.83
CA HIS A 69 18.19 8.86 26.92
C HIS A 69 17.81 10.08 26.08
N TRP A 70 18.28 10.12 24.83
CA TRP A 70 18.18 11.31 24.02
C TRP A 70 16.73 11.63 23.66
N PHE A 71 16.46 12.92 23.51
CA PHE A 71 15.29 13.40 22.80
C PHE A 71 15.65 13.60 21.33
N CYS A 72 14.63 13.67 20.49
CA CYS A 72 14.80 13.95 19.07
C CYS A 72 14.18 15.31 18.78
N ALA A 73 14.97 16.24 18.25
CA ALA A 73 14.43 17.52 17.83
C ALA A 73 13.45 17.33 16.68
N GLY A 74 12.40 18.15 16.67
CA GLY A 74 11.39 18.04 15.62
C GLY A 74 11.95 18.28 14.23
N THR A 75 12.97 19.12 14.11
CA THR A 75 13.59 19.34 12.81
C THR A 75 14.28 18.07 12.31
N ASP A 76 14.72 17.22 13.22
CA ASP A 76 15.35 15.95 12.84
C ASP A 76 14.34 14.89 12.43
N THR A 77 13.06 15.10 12.71
CA THR A 77 12.03 14.18 12.24
C THR A 77 11.68 14.51 10.79
N VAL A 78 10.67 13.84 10.25
CA VAL A 78 10.24 14.12 8.89
C VAL A 78 9.66 15.52 8.76
N LEU A 79 9.18 16.09 9.88
CA LEU A 79 8.60 17.42 9.84
C LEU A 79 9.60 18.47 9.41
N GLY A 80 10.89 18.23 9.66
CA GLY A 80 11.94 19.17 9.32
C GLY A 80 11.66 20.56 9.82
N ALA A 81 11.96 21.55 8.97
CA ALA A 81 11.77 22.95 9.33
C ALA A 81 10.34 23.27 9.75
N THR A 82 9.35 22.47 9.35
CA THR A 82 7.98 22.82 9.72
C THR A 82 7.67 22.53 11.18
N SER A 83 8.57 21.84 11.88
CA SER A 83 8.31 21.46 13.27
C SER A 83 8.21 22.68 14.19
N ASP A 84 7.45 22.53 15.27
CA ASP A 84 7.47 23.51 16.34
C ASP A 84 8.91 23.63 16.84
N PRO A 85 9.50 24.83 16.85
CA PRO A 85 10.92 24.95 17.18
C PRO A 85 11.29 24.45 18.56
N LEU A 86 10.34 24.29 19.46
CA LEU A 86 10.60 23.81 20.81
C LEU A 86 10.04 22.42 21.07
N GLU A 87 9.51 21.75 20.04
CA GLU A 87 8.91 20.44 20.23
C GLU A 87 9.97 19.36 20.11
N LEU A 88 10.01 18.47 21.10
CA LEU A 88 10.88 17.31 21.10
C LEU A 88 10.05 16.05 20.95
N PHE A 89 10.72 14.95 20.63
CA PHE A 89 10.05 13.67 20.45
C PHE A 89 10.86 12.58 21.13
N LEU A 90 10.18 11.74 21.91
CA LEU A 90 10.81 10.58 22.51
C LEU A 90 11.24 9.60 21.43
N VAL A 91 12.44 9.05 21.58
CA VAL A 91 12.96 8.04 20.67
C VAL A 91 13.67 6.96 21.48
N ASP A 92 13.88 5.81 20.84
CA ASP A 92 14.64 4.72 21.44
C ASP A 92 16.11 4.88 21.08
N GLU A 93 16.71 5.93 21.65
CA GLU A 93 18.12 6.22 21.44
C GLU A 93 18.74 6.68 22.74
N CYS A 94 19.86 6.05 23.12
CA CYS A 94 20.48 6.34 24.42
C CYS A 94 21.92 5.83 24.43
N GLU A 95 22.69 6.34 25.39
CA GLU A 95 24.09 5.93 25.52
C GLU A 95 24.65 6.40 26.86
N ASP A 96 25.68 5.70 27.33
CA ASP A 96 26.44 6.17 28.48
C ASP A 96 27.43 7.24 28.04
N MET A 97 27.74 8.15 28.94
CA MET A 97 28.54 9.31 28.58
C MET A 97 29.13 9.96 29.82
N GLN A 98 30.36 10.45 29.70
CA GLN A 98 30.99 11.13 30.83
C GLN A 98 30.19 12.36 31.24
N LEU A 99 30.09 12.58 32.55
CA LEU A 99 29.36 13.73 33.07
C LEU A 99 29.98 15.05 32.61
N SER A 100 31.23 15.02 32.16
CA SER A 100 31.89 16.21 31.65
C SER A 100 31.18 16.79 30.43
N TYR A 101 30.51 15.94 29.65
CA TYR A 101 29.84 16.41 28.44
C TYR A 101 28.58 17.22 28.75
N ILE A 102 28.04 17.12 29.97
CA ILE A 102 26.82 17.84 30.31
C ILE A 102 27.11 19.34 30.31
N HIS A 103 26.29 20.10 29.59
CA HIS A 103 26.42 21.54 29.48
C HIS A 103 25.54 22.28 30.48
N SER A 104 24.27 21.91 30.57
CA SER A 104 23.34 22.59 31.49
C SER A 104 22.16 21.68 31.78
N LYS A 105 21.32 22.13 32.70
CA LYS A 105 20.06 21.49 33.02
C LYS A 105 18.92 22.28 32.38
N VAL A 106 18.06 21.60 31.63
CA VAL A 106 16.98 22.24 30.91
C VAL A 106 15.64 21.72 31.42
N LYS A 107 14.62 22.58 31.34
CA LYS A 107 13.25 22.22 31.68
C LYS A 107 12.57 21.66 30.43
N VAL A 108 12.09 20.42 30.53
CA VAL A 108 11.38 19.76 29.44
C VAL A 108 10.07 19.20 29.99
N ILE A 109 8.95 19.71 29.50
CA ILE A 109 7.63 19.34 30.01
C ILE A 109 6.95 18.37 29.05
N TYR A 110 6.20 17.44 29.63
CA TYR A 110 5.36 16.53 28.86
C TYR A 110 3.99 17.18 28.69
N LYS A 111 3.62 17.48 27.44
CA LYS A 111 2.34 18.10 27.12
C LYS A 111 1.33 16.98 26.89
N ALA A 112 0.70 16.52 27.95
CA ALA A 112 -0.27 15.44 27.83
C ALA A 112 -1.61 16.00 27.34
N PRO A 113 -2.25 15.34 26.36
CA PRO A 113 -3.57 15.80 25.93
C PRO A 113 -4.56 15.75 27.07
N SER A 114 -5.45 16.74 27.12
CA SER A 114 -6.41 16.79 28.20
C SER A 114 -7.47 15.70 28.04
N GLU A 115 -8.17 15.42 29.13
CA GLU A 115 -9.31 14.52 29.06
C GLU A 115 -10.35 15.05 28.10
N ASN A 116 -10.37 16.36 27.88
CA ASN A 116 -11.33 17.04 27.02
C ASN A 116 -10.77 17.30 25.62
N TRP A 117 -9.68 16.61 25.25
CA TRP A 117 -8.98 16.87 24.00
C TRP A 117 -9.92 16.86 22.80
N ALA A 118 -10.85 15.90 22.75
CA ALA A 118 -11.72 15.76 21.60
C ALA A 118 -12.56 17.00 21.33
N MET A 119 -12.80 17.83 22.34
CA MET A 119 -13.62 19.00 22.15
C MET A 119 -12.80 20.26 21.93
N GLU A 120 -11.48 20.20 22.01
CA GLU A 120 -10.64 21.40 21.94
C GLU A 120 -10.32 21.83 20.52
N GLY A 121 -10.92 21.20 19.51
CA GLY A 121 -10.66 21.60 18.15
C GLY A 121 -11.37 22.88 17.75
N GLY A 122 -10.86 23.50 16.70
CA GLY A 122 -11.46 24.73 16.21
C GLY A 122 -10.46 25.81 15.90
N MET A 123 -9.17 25.47 15.95
CA MET A 123 -8.13 26.42 15.56
C MET A 123 -8.09 26.58 14.05
N ASP A 124 -7.76 27.79 13.60
CA ASP A 124 -7.84 28.12 12.19
C ASP A 124 -6.68 27.49 11.42
N PRO A 125 -6.78 27.43 10.08
CA PRO A 125 -5.70 26.84 9.29
C PRO A 125 -4.33 27.43 9.57
N GLU A 126 -4.24 28.75 9.83
CA GLU A 126 -2.95 29.35 10.14
C GLU A 126 -2.38 28.79 11.44
N SER A 127 -3.22 28.67 12.47
CA SER A 127 -2.77 28.08 13.73
C SER A 127 -2.44 26.60 13.60
N LEU A 128 -3.04 25.89 12.63
CA LEU A 128 -2.67 24.50 12.40
C LEU A 128 -1.35 24.39 11.66
N LEU A 129 -1.12 25.26 10.67
CA LEU A 129 0.05 25.16 9.81
C LEU A 129 1.31 25.72 10.47
N GLU A 130 1.20 26.91 11.07
CA GLU A 130 2.35 27.65 11.54
C GLU A 130 2.33 27.95 13.04
N GLY A 131 1.26 27.62 13.75
CA GLY A 131 1.18 27.96 15.16
C GLY A 131 2.13 27.12 16.00
N ASP A 132 2.82 27.78 16.93
CA ASP A 132 3.73 27.15 17.88
C ASP A 132 3.14 27.16 19.28
N ASP A 133 3.78 26.39 20.18
CA ASP A 133 3.26 26.24 21.53
C ASP A 133 3.54 27.46 22.40
N GLY A 134 4.75 27.99 22.33
CA GLY A 134 5.06 29.22 23.04
C GLY A 134 5.31 29.05 24.52
N LYS A 135 6.13 28.08 24.87
CA LYS A 135 6.55 27.79 26.24
C LYS A 135 7.93 27.17 26.18
N THR A 136 8.33 26.48 27.24
CA THR A 136 9.64 25.86 27.31
C THR A 136 9.69 24.65 26.38
N TYR A 137 10.79 23.90 26.44
CA TYR A 137 10.88 22.63 25.71
C TYR A 137 9.76 21.71 26.15
N PHE A 138 9.11 21.10 25.17
CA PHE A 138 7.97 20.23 25.43
C PHE A 138 7.98 19.06 24.47
N TYR A 139 7.51 17.91 24.95
CA TYR A 139 7.29 16.77 24.09
C TYR A 139 5.88 16.24 24.33
N GLN A 140 5.31 15.64 23.28
CA GLN A 140 4.02 14.97 23.40
C GLN A 140 3.98 13.59 22.76
N LEU A 141 4.93 13.24 21.90
CA LEU A 141 4.84 12.04 21.09
C LEU A 141 6.21 11.37 20.97
N TRP A 142 6.18 10.04 20.92
CA TRP A 142 7.33 9.21 20.59
C TRP A 142 7.42 9.05 19.08
N TYR A 143 8.64 8.96 18.57
CA TYR A 143 8.87 9.00 17.12
C TYR A 143 9.69 7.79 16.69
N ASP A 144 9.20 7.12 15.65
CA ASP A 144 9.92 6.04 14.98
C ASP A 144 10.46 6.60 13.67
N GLN A 145 11.79 6.54 13.52
CA GLN A 145 12.48 7.24 12.44
C GLN A 145 12.56 6.46 11.14
N ASP A 146 12.48 5.13 11.21
CA ASP A 146 12.53 4.36 9.97
C ASP A 146 11.17 4.28 9.30
N TYR A 147 10.09 4.42 10.07
CA TYR A 147 8.74 4.33 9.52
C TYR A 147 8.01 5.66 9.54
N ALA A 148 8.65 6.71 10.06
CA ALA A 148 8.02 8.02 10.23
C ALA A 148 6.69 7.87 10.95
N ARG A 149 6.75 7.35 12.17
CA ARG A 149 5.56 7.14 12.97
C ARG A 149 5.63 7.98 14.22
N PHE A 150 4.64 8.86 14.41
CA PHE A 150 4.45 9.59 15.66
C PHE A 150 3.35 8.87 16.43
N GLU A 151 3.67 8.42 17.64
CA GLU A 151 2.76 7.63 18.46
C GLU A 151 2.78 8.11 19.90
N SER A 152 1.74 7.74 20.65
CA SER A 152 1.66 8.14 22.05
C SER A 152 2.79 7.49 22.84
N PRO A 153 3.28 8.16 23.88
CA PRO A 153 4.48 7.68 24.59
C PRO A 153 4.23 6.34 25.24
N PRO A 154 5.17 5.41 25.15
CA PRO A 154 5.01 4.10 25.80
C PRO A 154 4.92 4.25 27.32
N LYS A 155 4.23 3.32 27.95
CA LYS A 155 3.98 3.35 29.38
C LYS A 155 4.69 2.20 30.10
N THR A 156 5.94 1.92 29.72
CA THR A 156 6.72 0.88 30.37
C THR A 156 7.00 1.25 31.83
N GLN A 157 6.77 0.26 32.78
CA GLN A 157 6.88 0.43 34.22
C GLN A 157 8.27 0.06 34.73
N PRO A 158 8.72 0.69 35.82
CA PRO A 158 10.07 0.42 36.32
C PRO A 158 10.13 -0.80 37.22
N THR A 159 11.27 -1.50 37.16
CA THR A 159 11.51 -2.67 37.98
C THR A 159 11.61 -2.27 39.46
N GLU A 160 11.52 -3.27 40.33
CA GLU A 160 11.76 -3.06 41.75
C GLU A 160 13.23 -3.20 42.11
N ASP A 161 13.99 -3.96 41.30
CA ASP A 161 15.44 -4.08 41.48
C ASP A 161 16.23 -3.20 40.54
N ASN A 162 15.61 -2.71 39.46
CA ASN A 162 16.26 -1.86 38.46
C ASN A 162 15.49 -0.57 38.27
N LYS A 163 15.12 0.08 39.39
CA LYS A 163 14.43 1.36 39.34
C LYS A 163 15.39 2.54 39.46
N PHE A 164 16.47 2.39 40.21
CA PHE A 164 17.42 3.49 40.41
C PHE A 164 18.16 3.85 39.12
N LYS A 165 18.25 2.94 38.16
CA LYS A 165 18.99 3.17 36.93
C LYS A 165 18.17 2.82 35.69
N PHE A 166 16.84 2.91 35.81
CA PHE A 166 15.97 2.43 34.75
C PHE A 166 16.03 3.36 33.53
N CYS A 167 15.87 2.76 32.35
CA CYS A 167 15.84 3.49 31.09
C CYS A 167 14.81 2.85 30.17
N VAL A 168 13.81 3.65 29.78
CA VAL A 168 12.77 3.17 28.88
C VAL A 168 13.37 2.71 27.57
N SER A 169 14.35 3.47 27.06
CA SER A 169 14.98 3.13 25.78
C SER A 169 15.68 1.78 25.85
N CYS A 170 16.52 1.58 26.87
CA CYS A 170 17.21 0.29 27.04
C CYS A 170 16.21 -0.85 27.20
N ALA A 171 15.18 -0.67 28.03
CA ALA A 171 14.18 -1.72 28.23
C ALA A 171 13.53 -2.10 26.91
N ARG A 172 13.12 -1.11 26.12
CA ARG A 172 12.41 -1.41 24.88
C ARG A 172 13.34 -2.00 23.83
N LEU A 173 14.61 -1.59 23.79
CA LEU A 173 15.56 -2.20 22.87
C LEU A 173 15.82 -3.66 23.24
N ALA A 174 15.88 -3.95 24.55
CA ALA A 174 16.04 -5.34 24.97
C ALA A 174 14.81 -6.18 24.60
N GLU A 175 13.61 -5.62 24.82
CA GLU A 175 12.40 -6.28 24.36
C GLU A 175 12.47 -6.58 22.86
N MET A 176 12.87 -5.59 22.07
CA MET A 176 12.92 -5.76 20.62
C MET A 176 13.90 -6.85 20.22
N ARG A 177 15.11 -6.81 20.76
CA ARG A 177 16.10 -7.83 20.42
C ARG A 177 15.62 -9.22 20.84
N GLN A 178 15.02 -9.32 22.03
CA GLN A 178 14.60 -10.62 22.54
C GLN A 178 13.45 -11.20 21.74
N LYS A 179 12.58 -10.35 21.18
CA LYS A 179 11.57 -10.87 20.27
C LYS A 179 12.12 -11.10 18.86
N GLU A 180 13.23 -10.46 18.51
CA GLU A 180 13.84 -10.70 17.20
C GLU A 180 14.56 -12.04 17.16
N ILE A 181 15.15 -12.47 18.26
CA ILE A 181 15.85 -13.76 18.27
C ILE A 181 14.81 -14.88 18.37
N PRO A 182 14.92 -15.93 17.56
CA PRO A 182 13.97 -17.05 17.68
C PRO A 182 14.39 -18.04 18.76
N ARG A 183 13.41 -18.51 19.52
CA ARG A 183 13.70 -19.40 20.63
C ARG A 183 12.82 -20.63 20.57
N VAL A 184 13.18 -21.62 21.39
CA VAL A 184 12.39 -22.84 21.52
C VAL A 184 11.63 -22.79 22.84
N LEU A 185 10.72 -23.74 23.01
CA LEU A 185 9.76 -23.75 24.10
C LEU A 185 9.61 -25.19 24.57
N GLU A 186 8.47 -25.50 25.18
CA GLU A 186 8.26 -26.77 25.88
C GLU A 186 8.83 -27.94 25.09
N GLN A 187 9.74 -28.67 25.73
CA GLN A 187 10.52 -29.69 25.05
C GLN A 187 9.72 -30.97 24.93
N LEU A 188 9.60 -31.47 23.70
CA LEU A 188 8.71 -32.60 23.45
C LEU A 188 9.38 -33.93 23.76
N GLU A 189 10.46 -34.25 23.06
CA GLU A 189 11.04 -35.59 23.21
C GLU A 189 12.48 -35.60 22.72
N ASP A 190 13.31 -36.37 23.42
CA ASP A 190 14.72 -36.52 23.06
C ASP A 190 14.86 -37.69 22.08
N LEU A 191 15.44 -37.41 20.91
CA LEU A 191 15.77 -38.46 19.96
C LEU A 191 17.29 -38.68 19.94
N ASP A 192 17.72 -39.63 19.10
CA ASP A 192 19.13 -39.97 19.02
C ASP A 192 19.95 -38.80 18.48
N SER A 193 19.55 -38.25 17.34
CA SER A 193 20.33 -37.23 16.67
C SER A 193 19.84 -35.81 16.94
N ARG A 194 18.56 -35.64 17.24
CA ARG A 194 17.97 -34.32 17.48
C ARG A 194 17.12 -34.37 18.74
N VAL A 195 16.60 -33.22 19.14
CA VAL A 195 15.65 -33.13 20.24
C VAL A 195 14.47 -32.28 19.77
N LEU A 196 13.27 -32.83 19.91
CA LEU A 196 12.05 -32.23 19.38
C LEU A 196 11.34 -31.42 20.46
N TYR A 197 10.76 -30.30 20.03
CA TYR A 197 9.98 -29.40 20.86
C TYR A 197 8.55 -29.31 20.32
N TYR A 198 7.64 -28.90 21.18
CA TYR A 198 6.26 -28.71 20.79
C TYR A 198 5.98 -27.31 20.27
N SER A 199 6.79 -26.31 20.66
CA SER A 199 6.52 -24.93 20.30
C SER A 199 7.84 -24.17 20.19
N ALA A 200 7.78 -23.08 19.43
CA ALA A 200 8.90 -22.16 19.27
C ALA A 200 8.34 -20.78 18.94
N THR A 201 9.20 -19.77 19.02
CA THR A 201 8.73 -18.40 18.89
C THR A 201 9.70 -17.59 18.04
N LYS A 202 9.12 -16.74 17.18
CA LYS A 202 9.90 -15.93 16.24
C LYS A 202 9.13 -14.65 15.91
N ASN A 203 9.80 -13.51 16.08
CA ASN A 203 9.23 -12.19 15.81
C ASN A 203 7.89 -11.98 16.50
N GLY A 204 7.70 -12.59 17.66
CA GLY A 204 6.48 -12.44 18.42
C GLY A 204 5.38 -13.41 18.06
N ILE A 205 5.61 -14.32 17.13
CA ILE A 205 4.62 -15.31 16.72
C ILE A 205 5.00 -16.66 17.30
N LEU A 206 4.00 -17.37 17.83
CA LEU A 206 4.16 -18.69 18.43
C LEU A 206 3.79 -19.77 17.42
N TYR A 207 4.77 -20.60 17.05
CA TYR A 207 4.56 -21.74 16.16
C TYR A 207 4.56 -23.02 16.97
N ARG A 208 3.44 -23.74 16.96
CA ARG A 208 3.34 -25.06 17.56
C ARG A 208 3.47 -26.13 16.48
N VAL A 209 3.56 -27.39 16.91
CA VAL A 209 3.57 -28.50 15.97
C VAL A 209 2.18 -28.65 15.38
N GLY A 210 2.09 -28.62 14.06
CA GLY A 210 0.82 -28.69 13.35
C GLY A 210 0.35 -27.38 12.79
N ASP A 211 0.91 -26.26 13.24
CA ASP A 211 0.60 -24.97 12.64
C ASP A 211 1.14 -24.90 11.22
N GLY A 212 0.65 -23.91 10.48
CA GLY A 212 1.10 -23.67 9.12
C GLY A 212 2.17 -22.58 9.10
N VAL A 213 3.16 -22.76 8.24
CA VAL A 213 4.24 -21.79 8.07
C VAL A 213 4.30 -21.34 6.63
N TYR A 214 4.46 -20.03 6.46
CA TYR A 214 4.88 -19.45 5.21
C TYR A 214 6.40 -19.60 5.04
N LEU A 215 6.82 -19.97 3.84
CA LEU A 215 8.23 -20.09 3.52
C LEU A 215 8.48 -19.45 2.16
N PRO A 216 9.69 -18.95 1.92
CA PRO A 216 10.01 -18.38 0.60
C PRO A 216 9.98 -19.47 -0.46
N PRO A 217 9.80 -19.11 -1.73
CA PRO A 217 9.72 -20.14 -2.78
C PRO A 217 11.00 -20.96 -2.93
N GLU A 218 12.12 -20.50 -2.41
CA GLU A 218 13.37 -21.26 -2.48
C GLU A 218 13.51 -22.27 -1.35
N ALA A 219 12.59 -22.25 -0.38
CA ALA A 219 12.72 -23.12 0.78
C ALA A 219 12.75 -24.59 0.39
N PHE A 220 11.91 -25.00 -0.56
CA PHE A 220 11.98 -26.35 -1.09
C PHE A 220 11.41 -26.38 -2.51
N THR A 221 11.47 -27.56 -3.13
CA THR A 221 10.88 -27.85 -4.42
C THR A 221 9.89 -29.00 -4.27
N PHE A 222 9.09 -29.20 -5.31
CA PHE A 222 8.12 -30.29 -5.35
C PHE A 222 8.66 -31.44 -6.17
N ASN A 223 8.16 -32.65 -5.88
CA ASN A 223 8.56 -33.80 -6.70
C ASN A 223 8.03 -33.72 -8.12
N ILE A 224 6.99 -32.92 -8.36
CA ILE A 224 6.55 -32.67 -9.71
C ILE A 224 7.64 -31.93 -10.48
N LYS A 225 8.03 -32.49 -11.62
CA LYS A 225 9.03 -31.86 -12.47
C LYS A 225 8.45 -30.57 -13.03
N LEU A 226 9.04 -29.43 -12.64
CA LEU A 226 8.58 -28.16 -13.18
C LEU A 226 9.00 -28.10 -14.64
N SER A 227 8.08 -28.48 -15.54
CA SER A 227 8.39 -28.59 -16.95
C SER A 227 8.87 -27.24 -17.48
N SER A 228 10.02 -27.25 -18.13
CA SER A 228 10.69 -26.02 -18.53
C SER A 228 9.91 -25.30 -19.63
N PRO A 229 9.41 -24.09 -19.38
CA PRO A 229 8.83 -23.29 -20.48
C PRO A 229 9.92 -22.82 -21.43
N VAL A 230 9.54 -22.16 -22.50
CA VAL A 230 10.48 -21.66 -23.50
C VAL A 230 10.26 -20.16 -23.65
N LYS A 231 11.25 -19.37 -23.25
CA LYS A 231 11.23 -17.95 -23.56
C LYS A 231 11.24 -17.76 -25.07
N ARG A 232 10.39 -16.85 -25.54
CA ARG A 232 10.21 -16.68 -26.98
C ARG A 232 11.54 -16.36 -27.65
N PRO A 233 11.89 -17.02 -28.75
CA PRO A 233 13.15 -16.72 -29.44
C PRO A 233 13.20 -15.26 -29.88
N ARG A 234 14.38 -14.85 -30.35
CA ARG A 234 14.61 -13.48 -30.75
C ARG A 234 13.52 -12.99 -31.69
N LYS A 235 13.14 -11.72 -31.53
CA LYS A 235 12.03 -11.13 -32.26
C LYS A 235 12.20 -11.35 -33.76
N GLU A 236 11.31 -12.15 -34.35
CA GLU A 236 11.47 -12.53 -35.75
C GLU A 236 11.40 -11.30 -36.64
N PRO A 237 12.18 -11.25 -37.72
CA PRO A 237 12.14 -10.08 -38.59
C PRO A 237 10.80 -9.99 -39.31
N VAL A 238 10.24 -8.79 -39.34
CA VAL A 238 8.94 -8.55 -39.95
C VAL A 238 9.13 -7.69 -41.19
N ASP A 239 8.09 -7.65 -42.02
CA ASP A 239 8.09 -6.87 -43.25
C ASP A 239 8.07 -5.39 -42.87
N GLU A 240 9.23 -4.73 -42.99
CA GLU A 240 9.36 -3.36 -42.49
C GLU A 240 8.60 -2.35 -43.34
N ASP A 241 8.19 -2.72 -44.55
CA ASP A 241 7.37 -1.81 -45.35
C ASP A 241 5.89 -1.92 -45.05
N LEU A 242 5.46 -3.05 -44.47
CA LEU A 242 4.07 -3.28 -44.11
C LEU A 242 3.77 -2.74 -42.71
N TYR A 243 4.64 -3.04 -41.75
CA TYR A 243 4.51 -2.55 -40.38
C TYR A 243 5.66 -1.60 -40.08
N PRO A 244 5.68 -0.42 -40.70
CA PRO A 244 6.88 0.43 -40.65
C PRO A 244 7.28 0.87 -39.25
N GLU A 245 6.32 1.06 -38.34
CA GLU A 245 6.64 1.52 -37.00
C GLU A 245 7.08 0.40 -36.07
N HIS A 246 7.08 -0.86 -36.53
CA HIS A 246 7.48 -1.96 -35.65
C HIS A 246 8.90 -1.75 -35.10
N TYR A 247 9.77 -1.07 -35.87
CA TYR A 247 11.14 -0.85 -35.42
C TYR A 247 11.20 -0.12 -34.08
N ARG A 248 10.14 0.62 -33.72
CA ARG A 248 10.11 1.33 -32.45
C ARG A 248 9.83 0.42 -31.26
N LYS A 249 9.85 -0.89 -31.44
CA LYS A 249 9.64 -1.83 -30.34
C LYS A 249 10.93 -2.58 -29.98
N TYR A 250 12.07 -1.90 -30.06
CA TYR A 250 13.34 -2.55 -29.77
C TYR A 250 13.52 -2.90 -28.30
N SER A 251 12.69 -2.34 -27.42
CA SER A 251 12.69 -2.74 -26.02
C SER A 251 11.85 -3.99 -25.84
N ASP A 252 12.38 -4.96 -25.08
CA ASP A 252 11.69 -6.21 -24.81
C ASP A 252 10.75 -6.12 -23.62
N TYR A 253 10.68 -4.98 -22.95
CA TYR A 253 9.83 -4.85 -21.76
C TYR A 253 8.38 -4.64 -22.14
N ILE A 254 7.50 -5.46 -21.58
CA ILE A 254 6.06 -5.42 -21.87
C ILE A 254 5.35 -4.83 -20.66
N LYS A 255 4.71 -3.68 -20.85
CA LYS A 255 3.94 -3.05 -19.78
C LYS A 255 2.73 -3.92 -19.45
N GLY A 256 2.50 -4.15 -18.16
CA GLY A 256 1.41 -4.98 -17.72
C GLY A 256 1.72 -6.46 -17.62
N SER A 257 2.94 -6.88 -17.99
CA SER A 257 3.26 -8.30 -18.00
C SER A 257 3.61 -8.80 -16.60
N ASN A 258 3.26 -10.05 -16.34
CA ASN A 258 3.55 -10.70 -15.07
C ASN A 258 4.65 -11.75 -15.19
N LEU A 259 5.47 -11.68 -16.24
CA LEU A 259 6.58 -12.59 -16.42
C LEU A 259 7.66 -12.41 -15.36
N ASP A 260 7.77 -11.22 -14.76
CA ASP A 260 8.71 -10.96 -13.70
C ASP A 260 8.06 -10.96 -12.32
N ALA A 261 6.83 -11.43 -12.21
CA ALA A 261 6.18 -11.43 -10.91
C ALA A 261 6.67 -12.61 -10.08
N PRO A 262 6.94 -12.40 -8.79
CA PRO A 262 7.53 -13.48 -7.98
C PRO A 262 6.53 -14.59 -7.74
N GLU A 263 7.05 -15.70 -7.26
CA GLU A 263 6.22 -16.80 -6.82
C GLU A 263 5.70 -16.53 -5.42
N PRO A 264 4.49 -16.98 -5.11
CA PRO A 264 3.99 -16.82 -3.74
C PRO A 264 4.68 -17.77 -2.77
N TYR A 265 4.32 -17.68 -1.49
CA TYR A 265 4.95 -18.49 -0.46
C TYR A 265 4.71 -19.99 -0.69
N ARG A 266 5.67 -20.80 -0.26
CA ARG A 266 5.38 -22.20 0.03
C ARG A 266 4.64 -22.28 1.35
N ILE A 267 3.66 -23.18 1.42
CA ILE A 267 2.92 -23.42 2.64
C ILE A 267 3.32 -24.79 3.17
N GLY A 268 3.75 -24.84 4.43
CA GLY A 268 4.06 -26.10 5.05
C GLY A 268 3.29 -26.27 6.35
N ARG A 269 3.14 -27.53 6.76
CA ARG A 269 2.61 -27.85 8.08
C ARG A 269 3.72 -28.42 8.94
N ILE A 270 3.92 -27.85 10.13
CA ILE A 270 5.04 -28.23 10.97
C ILE A 270 4.84 -29.66 11.45
N LYS A 271 5.74 -30.56 11.02
CA LYS A 271 5.74 -31.93 11.50
C LYS A 271 6.60 -32.06 12.76
N GLU A 272 7.85 -31.60 12.69
CA GLU A 272 8.77 -31.60 13.82
C GLU A 272 9.41 -30.23 13.95
N ILE A 273 9.41 -29.70 15.16
CA ILE A 273 10.34 -28.64 15.57
C ILE A 273 11.47 -29.32 16.32
N PHE A 274 12.71 -29.09 15.90
CA PHE A 274 13.78 -29.80 16.58
C PHE A 274 15.09 -29.02 16.46
N CYS A 275 16.00 -29.35 17.38
CA CYS A 275 17.34 -28.80 17.43
C CYS A 275 18.36 -29.93 17.36
N PRO A 276 19.51 -29.68 16.74
CA PRO A 276 20.60 -30.66 16.81
C PRO A 276 21.14 -30.72 18.22
N LYS A 277 21.62 -31.90 18.59
CA LYS A 277 22.20 -32.10 19.91
C LYS A 277 23.70 -31.89 19.84
N LYS A 278 24.24 -31.12 20.78
CA LYS A 278 25.68 -31.12 21.00
C LYS A 278 26.11 -32.51 21.46
N SER A 279 27.42 -32.78 21.34
CA SER A 279 27.93 -34.12 21.62
C SER A 279 27.59 -34.57 23.03
N ASN A 280 27.48 -33.64 23.97
CA ASN A 280 27.12 -33.96 25.35
C ASN A 280 25.64 -34.27 25.52
N GLY A 281 24.86 -34.22 24.44
CA GLY A 281 23.43 -34.49 24.50
C GLY A 281 22.56 -33.26 24.63
N ARG A 282 23.15 -32.10 24.94
CA ARG A 282 22.35 -30.90 25.10
C ARG A 282 22.03 -30.29 23.74
N PRO A 283 20.85 -29.70 23.57
CA PRO A 283 20.48 -29.15 22.26
C PRO A 283 21.28 -27.91 21.90
N ASN A 284 21.61 -27.79 20.61
CA ASN A 284 22.12 -26.55 20.06
C ASN A 284 20.90 -25.71 19.71
N GLU A 285 20.43 -24.92 20.67
CA GLU A 285 19.21 -24.14 20.50
C GLU A 285 19.42 -22.85 19.72
N THR A 286 20.67 -22.55 19.32
CA THR A 286 20.92 -21.46 18.38
C THR A 286 20.67 -21.89 16.94
N ASP A 287 20.37 -23.16 16.70
CA ASP A 287 20.19 -23.72 15.36
C ASP A 287 18.87 -24.49 15.38
N ILE A 288 17.76 -23.79 15.12
CA ILE A 288 16.44 -24.36 15.19
C ILE A 288 16.02 -24.77 13.78
N LYS A 289 15.78 -26.06 13.59
CA LYS A 289 15.26 -26.59 12.34
C LYS A 289 13.79 -26.94 12.50
N ILE A 290 13.08 -27.00 11.37
CA ILE A 290 11.72 -27.51 11.36
C ILE A 290 11.56 -28.45 10.19
N ARG A 291 10.73 -29.47 10.39
CA ARG A 291 10.33 -30.42 9.36
C ARG A 291 8.87 -30.16 9.03
N VAL A 292 8.56 -29.99 7.75
CA VAL A 292 7.22 -29.66 7.31
C VAL A 292 6.79 -30.64 6.22
N ASN A 293 5.47 -30.72 6.05
CA ASN A 293 4.86 -31.40 4.91
C ASN A 293 4.60 -30.38 3.81
N LYS A 294 5.02 -30.70 2.59
CA LYS A 294 4.81 -29.79 1.46
C LYS A 294 3.34 -29.74 1.10
N PHE A 295 2.76 -28.55 1.08
CA PHE A 295 1.43 -28.34 0.53
C PHE A 295 1.55 -27.94 -0.93
N TYR A 296 0.67 -28.49 -1.76
CA TYR A 296 0.62 -28.16 -3.18
C TYR A 296 -0.44 -27.10 -3.42
N ARG A 297 -0.04 -25.96 -3.98
CA ARG A 297 -1.01 -25.12 -4.66
C ARG A 297 -1.45 -25.84 -5.94
N PRO A 298 -2.66 -25.56 -6.43
CA PRO A 298 -3.08 -26.19 -7.69
C PRO A 298 -2.08 -25.99 -8.81
N GLU A 299 -1.59 -24.77 -9.00
CA GLU A 299 -0.63 -24.50 -10.06
C GLU A 299 0.70 -25.21 -9.87
N ASN A 300 0.95 -25.80 -8.70
CA ASN A 300 2.15 -26.59 -8.48
C ASN A 300 1.99 -28.06 -8.85
N THR A 301 0.76 -28.51 -9.11
CA THR A 301 0.56 -29.90 -9.49
C THR A 301 0.99 -30.12 -10.94
N HIS A 302 0.84 -31.35 -11.43
CA HIS A 302 1.19 -31.63 -12.82
C HIS A 302 0.38 -30.76 -13.78
N LYS A 303 -0.89 -30.53 -13.44
CA LYS A 303 -1.62 -29.44 -14.07
C LYS A 303 -0.92 -28.14 -13.71
N SER A 304 -0.44 -27.43 -14.72
CA SER A 304 0.32 -26.21 -14.50
C SER A 304 -0.62 -25.05 -14.19
N THR A 305 -0.14 -23.83 -14.38
CA THR A 305 -0.86 -22.58 -14.15
C THR A 305 -2.37 -22.63 -14.44
N PRO A 306 -2.84 -23.23 -15.53
CA PRO A 306 -4.31 -23.27 -15.75
C PRO A 306 -5.12 -23.81 -14.59
N ALA A 307 -4.54 -24.65 -13.72
CA ALA A 307 -5.29 -25.17 -12.59
C ALA A 307 -5.67 -24.08 -11.61
N SER A 308 -5.02 -22.92 -11.66
CA SER A 308 -5.36 -21.82 -10.79
C SER A 308 -6.47 -20.94 -11.32
N TYR A 309 -6.82 -21.06 -12.62
CA TYR A 309 -7.83 -20.19 -13.20
C TYR A 309 -9.17 -20.32 -12.47
N HIS A 310 -9.56 -21.55 -12.12
CA HIS A 310 -10.85 -21.82 -11.50
C HIS A 310 -10.76 -21.98 -9.99
N ALA A 311 -9.61 -22.37 -9.44
CA ALA A 311 -9.53 -22.71 -8.03
C ALA A 311 -9.61 -21.46 -7.15
N ASP A 312 -10.09 -21.66 -5.93
CA ASP A 312 -10.03 -20.60 -4.93
C ASP A 312 -8.58 -20.19 -4.70
N ILE A 313 -8.39 -18.91 -4.38
CA ILE A 313 -7.02 -18.41 -4.18
CA ILE A 313 -7.06 -18.36 -4.14
C ILE A 313 -6.37 -19.02 -2.95
N ASN A 314 -7.14 -19.63 -2.04
CA ASN A 314 -6.61 -20.23 -0.83
C ASN A 314 -6.76 -21.75 -0.81
N LEU A 315 -6.93 -22.35 -1.98
CA LEU A 315 -7.05 -23.80 -2.05
C LEU A 315 -5.66 -24.43 -2.11
N LEU A 316 -5.44 -25.43 -1.27
CA LEU A 316 -4.19 -26.18 -1.26
C LEU A 316 -4.51 -27.66 -1.37
N TYR A 317 -3.50 -28.43 -1.76
CA TYR A 317 -3.58 -29.87 -1.81
C TYR A 317 -2.57 -30.44 -0.81
N TRP A 318 -3.06 -31.22 0.15
CA TRP A 318 -2.17 -31.95 1.04
C TRP A 318 -1.30 -32.91 0.25
N SER A 319 -0.07 -33.08 0.70
CA SER A 319 0.84 -34.09 0.15
C SER A 319 1.57 -34.75 1.31
N ASP A 320 2.19 -35.89 1.02
CA ASP A 320 3.02 -36.57 2.01
C ASP A 320 4.50 -36.29 1.84
N GLU A 321 4.87 -35.45 0.88
CA GLU A 321 6.26 -35.03 0.74
C GLU A 321 6.67 -34.19 1.94
N GLU A 322 7.96 -34.22 2.26
CA GLU A 322 8.45 -33.55 3.45
C GLU A 322 9.72 -32.77 3.13
N ALA A 323 10.01 -31.79 3.97
CA ALA A 323 11.19 -30.96 3.80
C ALA A 323 11.69 -30.51 5.17
N VAL A 324 13.00 -30.27 5.25
CA VAL A 324 13.62 -29.70 6.44
C VAL A 324 14.18 -28.33 6.08
N VAL A 325 13.81 -27.32 6.86
CA VAL A 325 14.27 -25.95 6.62
C VAL A 325 14.66 -25.32 7.96
N ASP A 326 15.32 -24.18 7.89
CA ASP A 326 15.71 -23.47 9.09
C ASP A 326 14.55 -22.64 9.61
N PHE A 327 14.40 -22.58 10.93
CA PHE A 327 13.32 -21.81 11.52
C PHE A 327 13.38 -20.36 11.06
N LYS A 328 14.60 -19.80 10.99
CA LYS A 328 14.79 -18.41 10.54
C LYS A 328 14.15 -18.15 9.20
N ALA A 329 13.97 -19.19 8.37
CA ALA A 329 13.34 -19.02 7.07
C ALA A 329 11.84 -18.79 7.14
N VAL A 330 11.20 -19.06 8.28
CA VAL A 330 9.76 -18.94 8.37
C VAL A 330 9.35 -17.49 8.21
N GLN A 331 8.46 -17.22 7.25
CA GLN A 331 8.04 -15.85 6.98
C GLN A 331 6.75 -15.46 7.70
N GLY A 332 6.15 -16.36 8.46
CA GLY A 332 4.90 -16.04 9.13
C GLY A 332 4.07 -17.29 9.36
N ARG A 333 3.05 -17.13 10.19
CA ARG A 333 2.18 -18.24 10.56
C ARG A 333 0.88 -18.17 9.75
N CYS A 334 0.32 -19.35 9.47
CA CYS A 334 -0.92 -19.43 8.73
C CYS A 334 -1.68 -20.67 9.19
N THR A 335 -2.99 -20.64 9.00
CA THR A 335 -3.88 -21.75 9.32
C THR A 335 -4.17 -22.54 8.05
N VAL A 336 -4.04 -23.87 8.14
CA VAL A 336 -4.38 -24.76 7.03
C VAL A 336 -5.31 -25.83 7.59
N GLU A 337 -6.58 -25.78 7.19
CA GLU A 337 -7.59 -26.69 7.72
C GLU A 337 -8.07 -27.67 6.66
N TYR A 338 -8.45 -28.86 7.12
CA TYR A 338 -9.19 -29.80 6.28
C TYR A 338 -10.64 -29.34 6.21
N GLY A 339 -11.15 -29.19 4.98
CA GLY A 339 -12.46 -28.57 4.81
C GLY A 339 -13.61 -29.37 5.38
N GLU A 340 -13.53 -30.70 5.29
CA GLU A 340 -14.66 -31.53 5.70
C GLU A 340 -14.87 -31.52 7.21
N ASP A 341 -13.82 -31.25 7.98
CA ASP A 341 -13.93 -31.15 9.43
C ASP A 341 -14.22 -29.74 9.91
N LEU A 342 -14.34 -28.78 9.00
CA LEU A 342 -14.50 -27.40 9.41
C LEU A 342 -15.89 -27.19 10.03
N PRO A 343 -15.99 -26.51 11.17
CA PRO A 343 -17.32 -26.27 11.76
C PRO A 343 -18.22 -25.43 10.87
N GLU A 344 -17.74 -24.28 10.40
CA GLU A 344 -18.48 -23.44 9.48
C GLU A 344 -18.17 -23.86 8.04
N CYS A 345 -18.90 -23.26 7.09
CA CYS A 345 -18.65 -23.59 5.70
C CYS A 345 -17.34 -22.96 5.23
N VAL A 346 -16.85 -23.44 4.09
CA VAL A 346 -15.52 -23.03 3.62
C VAL A 346 -15.48 -21.53 3.36
N GLN A 347 -16.56 -20.96 2.83
CA GLN A 347 -16.55 -19.53 2.52
C GLN A 347 -16.55 -18.68 3.78
N VAL A 348 -17.36 -19.07 4.78
CA VAL A 348 -17.38 -18.34 6.04
C VAL A 348 -16.04 -18.43 6.75
N TYR A 349 -15.38 -19.59 6.63
CA TYR A 349 -14.03 -19.73 7.15
C TYR A 349 -13.06 -18.79 6.45
N SER A 350 -12.98 -18.89 5.12
CA SER A 350 -12.02 -18.11 4.35
C SER A 350 -12.22 -16.62 4.54
N MET A 351 -13.46 -16.19 4.78
CA MET A 351 -13.76 -14.79 5.01
C MET A 351 -13.67 -14.40 6.48
N GLY A 352 -13.26 -15.31 7.35
CA GLY A 352 -13.33 -15.10 8.78
C GLY A 352 -12.05 -14.62 9.44
N GLY A 353 -10.96 -14.55 8.69
CA GLY A 353 -9.69 -14.10 9.25
C GLY A 353 -8.54 -14.15 8.26
N PRO A 354 -7.40 -13.62 8.66
CA PRO A 354 -6.24 -13.60 7.79
C PRO A 354 -5.51 -14.94 7.74
N ASN A 355 -4.83 -15.17 6.62
CA ASN A 355 -3.89 -16.28 6.44
C ASN A 355 -4.59 -17.63 6.57
N ARG A 356 -5.77 -17.76 5.99
CA ARG A 356 -6.55 -18.99 6.11
C ARG A 356 -6.50 -19.75 4.79
N PHE A 357 -6.13 -21.03 4.86
CA PHE A 357 -6.08 -21.93 3.72
C PHE A 357 -6.80 -23.22 4.08
N TYR A 358 -7.31 -23.90 3.07
CA TYR A 358 -8.00 -25.16 3.31
C TYR A 358 -7.64 -26.15 2.21
N PHE A 359 -7.75 -27.42 2.56
CA PHE A 359 -7.51 -28.50 1.60
C PHE A 359 -8.63 -29.51 1.68
N LEU A 360 -9.00 -30.07 0.53
CA LEU A 360 -10.01 -31.12 0.46
C LEU A 360 -9.43 -32.45 -0.02
N GLU A 361 -8.70 -32.46 -1.12
CA GLU A 361 -8.07 -33.67 -1.61
C GLU A 361 -6.60 -33.70 -1.18
N ALA A 362 -5.91 -34.75 -1.62
CA ALA A 362 -4.48 -34.87 -1.44
C ALA A 362 -3.85 -35.19 -2.80
N TYR A 363 -2.63 -34.71 -3.01
CA TYR A 363 -1.95 -34.87 -4.29
C TYR A 363 -0.78 -35.83 -4.14
N ASN A 364 -0.69 -36.79 -5.06
CA ASN A 364 0.44 -37.73 -5.13
C ASN A 364 1.14 -37.51 -6.47
N ALA A 365 2.32 -36.89 -6.42
CA ALA A 365 3.05 -36.54 -7.63
C ALA A 365 3.47 -37.77 -8.42
N LYS A 366 3.85 -38.85 -7.73
CA LYS A 366 4.25 -40.06 -8.43
C LYS A 366 3.09 -40.60 -9.28
N SER A 367 1.88 -40.62 -8.72
CA SER A 367 0.69 -41.08 -9.42
C SER A 367 0.02 -40.00 -10.25
N LYS A 368 0.31 -38.72 -9.97
CA LYS A 368 -0.36 -37.59 -10.62
C LYS A 368 -1.87 -37.73 -10.50
N SER A 369 -2.33 -37.99 -9.27
CA SER A 369 -3.74 -38.24 -9.02
C SER A 369 -4.16 -37.53 -7.74
N PHE A 370 -5.47 -37.34 -7.60
CA PHE A 370 -6.05 -36.69 -6.43
C PHE A 370 -6.87 -37.72 -5.65
N GLU A 371 -6.50 -37.92 -4.39
CA GLU A 371 -7.20 -38.87 -3.53
C GLU A 371 -7.60 -38.22 -2.22
N ASP A 372 -8.08 -39.01 -1.28
CA ASP A 372 -8.42 -38.35 -0.03
C ASP A 372 -7.23 -38.34 0.91
N PRO A 373 -7.11 -37.29 1.74
CA PRO A 373 -5.95 -37.18 2.61
C PRO A 373 -6.01 -38.19 3.73
N PRO A 374 -4.86 -38.72 4.18
CA PRO A 374 -4.87 -39.67 5.29
C PRO A 374 -5.41 -39.04 6.56
N ASN A 375 -5.95 -39.88 7.44
CA ASN A 375 -6.61 -39.36 8.65
C ASN A 375 -5.65 -38.57 9.54
N HIS A 376 -4.34 -38.87 9.45
CA HIS A 376 -3.36 -38.21 10.30
C HIS A 376 -3.20 -36.74 9.89
N ALA A 377 -3.97 -36.32 8.89
CA ALA A 377 -4.00 -34.93 8.47
C ALA A 377 -5.13 -34.14 9.11
N ARG A 378 -5.92 -34.76 9.98
CA ARG A 378 -7.00 -34.07 10.69
C ARG A 378 -6.46 -33.51 12.01
N SER A 379 -7.36 -33.09 12.90
CA SER A 379 -6.97 -32.72 14.26
C SER A 379 -8.11 -32.98 15.25
N LYS A 409 -20.79 -8.54 17.80
CA LYS A 409 -19.37 -8.22 17.68
C LYS A 409 -19.03 -6.90 18.38
N LEU A 410 -18.54 -5.93 17.62
CA LEU A 410 -18.24 -4.61 18.15
C LEU A 410 -18.82 -3.53 17.25
N PRO A 411 -19.27 -2.42 17.83
CA PRO A 411 -20.01 -1.42 17.04
C PRO A 411 -19.12 -0.69 16.05
N LYS A 412 -19.71 -0.38 14.89
CA LYS A 412 -19.01 0.26 13.79
C LYS A 412 -18.86 1.76 14.04
N LEU A 413 -17.76 2.32 13.53
CA LEU A 413 -17.51 3.73 13.72
C LEU A 413 -18.39 4.55 12.77
N ARG A 414 -19.05 5.56 13.32
CA ARG A 414 -19.76 6.51 12.48
C ARG A 414 -18.74 7.30 11.67
N THR A 415 -18.86 7.25 10.35
CA THR A 415 -17.81 7.70 9.44
C THR A 415 -18.30 8.82 8.53
N LEU A 416 -17.44 9.82 8.35
CA LEU A 416 -17.64 10.91 7.41
C LEU A 416 -16.61 10.74 6.29
N ASP A 417 -17.11 10.62 5.06
CA ASP A 417 -16.28 10.39 3.88
C ASP A 417 -16.35 11.65 3.02
N VAL A 418 -15.26 12.41 2.99
CA VAL A 418 -15.18 13.67 2.25
C VAL A 418 -14.56 13.41 0.88
N PHE A 419 -15.14 14.03 -0.15
CA PHE A 419 -14.74 13.75 -1.54
C PHE A 419 -14.91 12.27 -1.84
N SER A 420 -16.10 11.76 -1.55
CA SER A 420 -16.33 10.32 -1.51
C SER A 420 -16.31 9.67 -2.88
N GLY A 421 -16.76 10.39 -3.91
CA GLY A 421 -17.03 9.72 -5.16
C GLY A 421 -18.24 8.79 -4.98
N CYS A 422 -18.32 7.79 -5.86
CA CYS A 422 -19.40 6.81 -5.77
C CYS A 422 -19.29 5.94 -4.52
N GLY A 423 -18.12 5.92 -3.86
CA GLY A 423 -18.04 5.31 -2.56
C GLY A 423 -17.17 4.06 -2.48
N GLY A 424 -16.12 4.00 -3.29
CA GLY A 424 -15.23 2.86 -3.22
C GLY A 424 -14.55 2.73 -1.87
N LEU A 425 -14.02 3.84 -1.35
CA LEU A 425 -13.34 3.81 -0.06
C LEU A 425 -14.30 3.45 1.07
N SER A 426 -15.49 4.04 1.08
CA SER A 426 -16.49 3.70 2.07
C SER A 426 -16.88 2.23 1.96
N GLU A 427 -16.98 1.71 0.73
CA GLU A 427 -17.34 0.31 0.54
C GLU A 427 -16.26 -0.61 1.08
N GLY A 428 -15.00 -0.34 0.76
CA GLY A 428 -13.92 -1.12 1.32
C GLY A 428 -13.95 -1.13 2.84
N PHE A 429 -14.14 0.06 3.43
CA PHE A 429 -14.20 0.15 4.89
C PHE A 429 -15.37 -0.63 5.45
N HIS A 430 -16.53 -0.55 4.81
CA HIS A 430 -17.68 -1.32 5.26
C HIS A 430 -17.39 -2.81 5.20
N GLN A 431 -16.76 -3.27 4.10
CA GLN A 431 -16.39 -4.67 3.99
C GLN A 431 -15.45 -5.08 5.13
N ALA A 432 -14.57 -4.18 5.57
CA ALA A 432 -13.76 -4.49 6.75
C ALA A 432 -14.59 -4.55 8.03
N GLY A 433 -15.84 -4.12 8.00
CA GLY A 433 -16.69 -4.20 9.18
C GLY A 433 -16.40 -3.17 10.26
N ILE A 434 -15.75 -2.06 9.93
CA ILE A 434 -15.39 -1.07 10.93
C ILE A 434 -16.26 0.19 10.88
N SER A 435 -16.94 0.47 9.77
CA SER A 435 -17.51 1.78 9.54
C SER A 435 -18.95 1.69 9.04
N ASP A 436 -19.76 2.67 9.46
CA ASP A 436 -20.99 3.04 8.78
C ASP A 436 -20.80 4.46 8.31
N THR A 437 -20.71 4.66 6.99
CA THR A 437 -20.59 6.01 6.46
C THR A 437 -21.95 6.69 6.58
N LEU A 438 -22.09 7.51 7.62
CA LEU A 438 -23.34 8.22 7.82
C LEU A 438 -23.40 9.51 7.03
N TRP A 439 -22.25 10.11 6.76
CA TRP A 439 -22.18 11.37 6.04
C TRP A 439 -21.14 11.27 4.93
N ALA A 440 -21.49 11.80 3.76
CA ALA A 440 -20.54 11.89 2.66
C ALA A 440 -20.66 13.27 2.02
N ILE A 441 -19.52 13.86 1.70
CA ILE A 441 -19.47 15.10 0.94
C ILE A 441 -18.93 14.78 -0.44
N GLU A 442 -19.74 15.04 -1.47
CA GLU A 442 -19.37 14.79 -2.86
C GLU A 442 -20.02 15.85 -3.72
N MET A 443 -19.20 16.69 -4.34
CA MET A 443 -19.70 17.85 -5.07
C MET A 443 -20.18 17.49 -6.47
N TRP A 444 -19.62 16.45 -7.08
CA TRP A 444 -20.06 16.00 -8.40
C TRP A 444 -21.35 15.19 -8.26
N ASP A 445 -22.43 15.71 -8.84
CA ASP A 445 -23.76 15.14 -8.58
C ASP A 445 -23.94 13.70 -9.04
N PRO A 446 -23.48 13.26 -10.21
CA PRO A 446 -23.68 11.84 -10.55
C PRO A 446 -22.99 10.90 -9.58
N ALA A 447 -21.78 11.21 -9.14
CA ALA A 447 -21.14 10.38 -8.12
C ALA A 447 -21.89 10.44 -6.80
N ALA A 448 -22.44 11.61 -6.45
CA ALA A 448 -23.25 11.69 -5.23
C ALA A 448 -24.50 10.82 -5.35
N GLN A 449 -25.11 10.79 -6.53
CA GLN A 449 -26.26 9.93 -6.75
C GLN A 449 -25.87 8.45 -6.66
N ALA A 450 -24.70 8.09 -7.18
CA ALA A 450 -24.28 6.70 -7.08
C ALA A 450 -24.03 6.30 -5.63
N PHE A 451 -23.36 7.18 -4.87
CA PHE A 451 -23.16 6.92 -3.45
C PHE A 451 -24.50 6.78 -2.73
N ARG A 452 -25.49 7.58 -3.10
CA ARG A 452 -26.83 7.42 -2.51
C ARG A 452 -27.41 6.06 -2.87
N LEU A 453 -27.35 5.68 -4.14
CA LEU A 453 -27.89 4.39 -4.57
C LEU A 453 -27.29 3.24 -3.78
N ASN A 454 -26.00 3.31 -3.49
CA ASN A 454 -25.35 2.22 -2.77
C ASN A 454 -25.39 2.37 -1.25
N ASN A 455 -25.77 3.53 -0.74
CA ASN A 455 -25.76 3.81 0.69
C ASN A 455 -27.00 4.58 1.07
N PRO A 456 -28.16 3.93 1.06
CA PRO A 456 -29.34 4.56 1.64
C PRO A 456 -29.12 4.74 3.13
N GLY A 457 -29.85 5.69 3.70
CA GLY A 457 -29.64 5.97 5.10
C GLY A 457 -28.36 6.68 5.44
N SER A 458 -27.56 7.06 4.44
CA SER A 458 -26.46 7.99 4.63
C SER A 458 -26.85 9.35 4.05
N THR A 459 -26.40 10.41 4.71
CA THR A 459 -26.66 11.78 4.28
C THR A 459 -25.54 12.26 3.36
N VAL A 460 -25.87 12.52 2.10
CA VAL A 460 -24.87 12.93 1.11
C VAL A 460 -24.99 14.43 0.87
N PHE A 461 -23.92 15.17 1.16
CA PHE A 461 -23.87 16.61 0.94
C PHE A 461 -23.16 16.88 -0.37
N THR A 462 -23.74 17.74 -1.20
CA THR A 462 -23.11 18.16 -2.44
C THR A 462 -22.50 19.55 -2.34
N GLU A 463 -22.59 20.20 -1.18
CA GLU A 463 -22.06 21.56 -1.06
C GLU A 463 -20.54 21.53 -0.90
N ASP A 464 -19.96 22.71 -1.11
CA ASP A 464 -18.54 22.90 -0.80
C ASP A 464 -18.29 22.62 0.67
N CYS A 465 -17.31 21.75 0.94
CA CYS A 465 -17.06 21.34 2.31
C CYS A 465 -16.69 22.52 3.20
N ASN A 466 -16.09 23.56 2.61
CA ASN A 466 -15.85 24.78 3.38
C ASN A 466 -17.15 25.41 3.84
N ILE A 467 -18.13 25.49 2.94
CA ILE A 467 -19.43 26.04 3.31
C ILE A 467 -20.06 25.21 4.42
N LEU A 468 -19.97 23.87 4.31
CA LEU A 468 -20.53 23.01 5.34
C LEU A 468 -19.87 23.24 6.69
N LEU A 469 -18.53 23.24 6.72
CA LEU A 469 -17.82 23.40 7.97
C LEU A 469 -18.09 24.77 8.59
N LYS A 470 -18.19 25.81 7.75
CA LYS A 470 -18.52 27.14 8.27
C LYS A 470 -19.92 27.16 8.86
N LEU A 471 -20.88 26.49 8.21
CA LEU A 471 -22.22 26.42 8.76
C LEU A 471 -22.21 25.71 10.12
N VAL A 472 -21.45 24.62 10.23
CA VAL A 472 -21.39 23.88 11.49
C VAL A 472 -20.76 24.76 12.57
N MET A 473 -19.66 25.44 12.25
CA MET A 473 -19.01 26.31 13.22
C MET A 473 -19.88 27.48 13.62
N ALA A 474 -20.81 27.91 12.76
CA ALA A 474 -21.66 29.05 13.11
C ALA A 474 -22.83 28.66 14.01
N GLY A 475 -23.02 27.38 14.30
CA GLY A 475 -24.11 26.93 15.13
C GLY A 475 -25.28 26.32 14.37
N GLU A 476 -25.17 26.15 13.06
CA GLU A 476 -26.27 25.64 12.26
C GLU A 476 -26.51 24.16 12.54
N THR A 477 -27.78 23.78 12.50
CA THR A 477 -28.23 22.40 12.68
C THR A 477 -28.37 21.67 11.35
N THR A 478 -29.01 22.30 10.37
CA THR A 478 -29.27 21.69 9.07
C THR A 478 -28.77 22.59 7.95
N ASN A 479 -28.43 21.97 6.82
CA ASN A 479 -28.04 22.71 5.63
C ASN A 479 -29.29 23.21 4.92
N SER A 480 -29.12 23.78 3.72
CA SER A 480 -30.24 24.38 2.99
C SER A 480 -31.15 23.33 2.37
N ARG A 481 -30.77 22.06 2.40
CA ARG A 481 -31.62 20.97 1.95
C ARG A 481 -32.44 20.38 3.08
N GLY A 482 -32.24 20.83 4.33
CA GLY A 482 -32.85 20.21 5.48
C GLY A 482 -32.04 19.06 6.08
N GLN A 483 -30.96 18.64 5.43
CA GLN A 483 -30.13 17.56 5.95
C GLN A 483 -29.45 17.97 7.25
N ARG A 484 -29.41 17.05 8.21
CA ARG A 484 -28.82 17.34 9.52
C ARG A 484 -27.29 17.34 9.43
N LEU A 485 -26.67 18.37 9.98
CA LEU A 485 -25.22 18.50 9.90
C LEU A 485 -24.55 17.67 11.00
N PRO A 486 -23.41 17.04 10.70
CA PRO A 486 -22.69 16.30 11.74
C PRO A 486 -22.03 17.26 12.73
N GLN A 487 -22.24 17.00 14.01
CA GLN A 487 -21.68 17.82 15.08
C GLN A 487 -20.55 17.08 15.78
N LYS A 488 -19.86 17.79 16.66
CA LYS A 488 -18.78 17.18 17.43
C LYS A 488 -19.31 15.97 18.20
N GLY A 489 -18.56 14.88 18.14
CA GLY A 489 -18.99 13.64 18.75
C GLY A 489 -19.73 12.73 17.79
N ASP A 490 -20.41 13.28 16.78
CA ASP A 490 -21.02 12.41 15.78
C ASP A 490 -19.98 11.69 14.93
N VAL A 491 -18.89 12.38 14.58
CA VAL A 491 -17.91 11.85 13.63
C VAL A 491 -16.89 11.03 14.41
N GLU A 492 -16.92 9.71 14.23
CA GLU A 492 -15.96 8.85 14.90
C GLU A 492 -14.78 8.45 14.01
N MET A 493 -14.97 8.42 12.69
CA MET A 493 -13.87 8.26 11.76
C MET A 493 -14.05 9.21 10.60
N LEU A 494 -12.94 9.79 10.15
CA LEU A 494 -12.92 10.74 9.04
C LEU A 494 -12.01 10.18 7.95
N CYS A 495 -12.53 10.03 6.75
CA CYS A 495 -11.69 9.61 5.64
C CYS A 495 -11.99 10.44 4.41
N GLY A 496 -11.02 10.50 3.50
CA GLY A 496 -11.22 11.20 2.25
C GLY A 496 -10.00 11.29 1.35
N GLY A 497 -10.22 11.64 0.09
CA GLY A 497 -9.14 12.00 -0.78
C GLY A 497 -9.33 13.37 -1.38
N PRO A 498 -8.55 14.34 -0.92
CA PRO A 498 -8.71 15.71 -1.40
C PRO A 498 -7.87 15.96 -2.64
N PRO A 499 -8.42 16.60 -3.66
CA PRO A 499 -7.63 16.93 -4.84
C PRO A 499 -6.60 18.01 -4.52
N CYS A 500 -5.57 18.08 -5.38
CA CYS A 500 -4.44 18.96 -5.14
C CYS A 500 -4.16 19.84 -6.36
N GLN A 501 -5.20 20.39 -6.96
CA GLN A 501 -5.01 21.25 -8.11
C GLN A 501 -4.27 22.52 -7.72
N GLY A 502 -3.33 22.94 -8.56
CA GLY A 502 -2.58 24.16 -8.37
C GLY A 502 -1.20 23.96 -7.79
N PHE A 503 -1.03 22.96 -6.92
CA PHE A 503 0.24 22.71 -6.26
C PHE A 503 0.65 21.24 -6.39
N SER A 504 0.31 20.61 -7.52
CA SER A 504 0.68 19.23 -7.77
C SER A 504 2.04 19.10 -8.46
N GLY A 505 2.81 20.19 -8.52
CA GLY A 505 4.15 20.12 -9.08
C GLY A 505 5.18 19.71 -8.05
N MET A 506 6.42 19.55 -8.52
CA MET A 506 7.53 19.22 -7.64
C MET A 506 8.35 20.44 -7.23
N ASN A 507 8.29 21.54 -7.99
CA ASN A 507 9.04 22.74 -7.68
C ASN A 507 8.65 23.29 -6.31
N ARG A 508 9.55 24.08 -5.72
CA ARG A 508 9.35 24.60 -4.38
C ARG A 508 8.18 25.59 -4.33
N PHE A 509 7.60 25.70 -3.12
CA PHE A 509 6.54 26.67 -2.87
C PHE A 509 7.04 28.09 -3.09
N ASN A 510 6.19 28.92 -3.67
CA ASN A 510 6.34 30.37 -3.64
C ASN A 510 5.12 30.94 -2.91
N SER A 511 5.02 32.27 -2.87
CA SER A 511 3.88 32.92 -2.21
C SER A 511 2.56 32.48 -2.82
N ARG A 512 2.49 32.47 -4.16
CA ARG A 512 1.23 32.16 -4.84
C ARG A 512 0.80 30.72 -4.59
N THR A 513 1.69 29.76 -4.85
CA THR A 513 1.34 28.36 -4.66
C THR A 513 1.07 28.05 -3.19
N TYR A 514 1.78 28.69 -2.27
CA TYR A 514 1.54 28.44 -0.85
C TYR A 514 0.19 29.00 -0.42
N SER A 515 -0.22 30.14 -0.98
CA SER A 515 -1.56 30.65 -0.70
C SER A 515 -2.61 29.70 -1.24
N LYS A 516 -2.42 29.23 -2.48
CA LYS A 516 -3.36 28.28 -3.07
C LYS A 516 -3.45 27.01 -2.23
N PHE A 517 -2.36 26.62 -1.57
CA PHE A 517 -2.40 25.45 -0.71
C PHE A 517 -3.11 25.75 0.61
N LYS A 518 -2.84 26.91 1.21
CA LYS A 518 -3.51 27.27 2.45
C LYS A 518 -5.02 27.36 2.27
N ASN A 519 -5.47 27.75 1.07
CA ASN A 519 -6.90 27.80 0.76
C ASN A 519 -7.39 26.57 0.00
N SER A 520 -6.83 25.40 0.30
CA SER A 520 -7.04 24.22 -0.53
C SER A 520 -7.94 23.21 0.15
N LEU A 521 -8.36 22.21 -0.63
CA LEU A 521 -9.24 21.17 -0.09
C LEU A 521 -8.49 20.24 0.85
N VAL A 522 -7.17 20.08 0.65
CA VAL A 522 -6.38 19.33 1.63
C VAL A 522 -6.44 20.01 2.99
N VAL A 523 -6.20 21.32 3.02
CA VAL A 523 -6.22 22.02 4.29
C VAL A 523 -7.63 22.04 4.86
N SER A 524 -8.64 22.17 3.99
CA SER A 524 -10.03 22.07 4.46
CA SER A 524 -10.03 22.07 4.46
C SER A 524 -10.28 20.74 5.15
N PHE A 525 -9.80 19.66 4.55
CA PHE A 525 -9.94 18.33 5.15
C PHE A 525 -9.27 18.27 6.51
N LEU A 526 -8.07 18.85 6.61
CA LEU A 526 -7.39 18.86 7.90
C LEU A 526 -8.16 19.68 8.92
N SER A 527 -8.78 20.77 8.49
CA SER A 527 -9.65 21.54 9.37
C SER A 527 -10.81 20.68 9.86
N TYR A 528 -11.39 19.88 8.97
CA TYR A 528 -12.44 18.94 9.37
C TYR A 528 -11.93 18.01 10.46
N CYS A 529 -10.75 17.45 10.25
CA CYS A 529 -10.13 16.56 11.24
C CYS A 529 -9.93 17.29 12.56
N ASP A 530 -9.47 18.53 12.50
CA ASP A 530 -9.20 19.28 13.74
C ASP A 530 -10.48 19.60 14.48
N TYR A 531 -11.54 19.93 13.75
CA TYR A 531 -12.82 20.29 14.37
C TYR A 531 -13.48 19.06 15.01
N TYR A 532 -13.68 18.00 14.22
CA TYR A 532 -14.44 16.86 14.74
C TYR A 532 -13.60 15.95 15.64
N ARG A 533 -12.28 15.99 15.52
CA ARG A 533 -11.38 15.10 16.26
C ARG A 533 -11.88 13.66 16.32
N PRO A 534 -11.98 12.99 15.17
CA PRO A 534 -12.42 11.59 15.16
C PRO A 534 -11.37 10.68 15.80
N ARG A 535 -11.81 9.46 16.10
CA ARG A 535 -10.88 8.45 16.61
C ARG A 535 -9.83 8.09 15.57
N PHE A 536 -10.23 7.97 14.29
CA PHE A 536 -9.31 7.57 13.23
C PHE A 536 -9.49 8.48 12.01
N PHE A 537 -8.40 8.65 11.27
CA PHE A 537 -8.34 9.59 10.15
C PHE A 537 -7.54 8.98 9.02
N LEU A 538 -8.06 9.09 7.79
CA LEU A 538 -7.37 8.59 6.60
C LEU A 538 -7.45 9.62 5.48
N LEU A 539 -6.28 10.03 5.00
CA LEU A 539 -6.16 10.82 3.78
C LEU A 539 -5.53 9.93 2.70
N GLU A 540 -6.27 9.68 1.63
CA GLU A 540 -5.73 8.94 0.50
C GLU A 540 -5.50 9.91 -0.65
N ASN A 541 -4.47 9.63 -1.46
CA ASN A 541 -4.18 10.52 -2.58
C ASN A 541 -3.34 9.77 -3.59
N VAL A 542 -3.01 10.47 -4.68
CA VAL A 542 -2.06 9.92 -5.65
C VAL A 542 -0.72 9.67 -4.96
N ARG A 543 0.04 8.74 -5.52
CA ARG A 543 1.36 8.40 -4.99
C ARG A 543 2.19 9.66 -4.75
N ASN A 544 2.27 10.55 -5.75
CA ASN A 544 3.18 11.69 -5.67
C ASN A 544 2.75 12.75 -4.66
N PHE A 545 1.63 12.54 -3.95
CA PHE A 545 1.29 13.41 -2.82
C PHE A 545 2.47 13.55 -1.86
N VAL A 546 3.27 12.49 -1.70
CA VAL A 546 4.41 12.51 -0.79
C VAL A 546 5.58 13.33 -1.32
N SER A 547 5.58 13.72 -2.58
CA SER A 547 6.67 14.49 -3.16
CA SER A 547 6.67 14.50 -3.16
C SER A 547 6.29 15.91 -3.57
N PHE A 548 4.99 16.21 -3.69
CA PHE A 548 4.54 17.52 -4.12
C PHE A 548 5.25 18.65 -3.38
N LYS A 549 5.80 19.58 -4.17
CA LYS A 549 6.40 20.80 -3.64
C LYS A 549 7.55 20.46 -2.70
N ARG A 550 8.44 19.59 -3.16
CA ARG A 550 9.60 19.13 -2.38
C ARG A 550 9.14 18.50 -1.06
N SER A 551 8.13 17.63 -1.17
CA SER A 551 7.53 16.92 -0.03
C SER A 551 6.88 17.89 0.97
N MET A 552 6.59 19.12 0.55
CA MET A 552 6.08 20.08 1.54
C MET A 552 4.61 19.86 1.86
N VAL A 553 3.81 19.40 0.90
CA VAL A 553 2.41 19.10 1.21
C VAL A 553 2.34 17.99 2.25
N LEU A 554 3.12 16.93 2.06
CA LEU A 554 3.19 15.86 3.05
C LEU A 554 3.64 16.38 4.40
N LYS A 555 4.73 17.17 4.42
CA LYS A 555 5.27 17.61 5.70
C LYS A 555 4.26 18.48 6.44
N LEU A 556 3.62 19.42 5.74
CA LEU A 556 2.61 20.26 6.38
C LEU A 556 1.40 19.46 6.84
N THR A 557 1.00 18.40 6.12
CA THR A 557 -0.10 17.59 6.61
C THR A 557 0.26 16.92 7.93
N LEU A 558 1.45 16.32 7.98
CA LEU A 558 1.89 15.69 9.24
C LEU A 558 2.02 16.73 10.34
N ARG A 559 2.52 17.93 9.99
CA ARG A 559 2.66 18.99 10.98
C ARG A 559 1.31 19.37 11.56
N CYS A 560 0.29 19.51 10.72
CA CYS A 560 -1.06 19.79 11.20
C CYS A 560 -1.53 18.72 12.17
N LEU A 561 -1.36 17.45 11.78
CA LEU A 561 -1.86 16.37 12.64
C LEU A 561 -1.18 16.41 14.01
N VAL A 562 0.14 16.59 14.02
CA VAL A 562 0.86 16.66 15.28
C VAL A 562 0.39 17.86 16.09
N ARG A 563 0.17 18.99 15.42
CA ARG A 563 -0.32 20.19 16.10
C ARG A 563 -1.68 19.95 16.75
N MET A 564 -2.55 19.20 16.07
CA MET A 564 -3.80 18.76 16.70
C MET A 564 -3.55 17.82 17.87
N GLY A 565 -2.39 17.15 17.88
CA GLY A 565 -2.10 16.16 18.89
C GLY A 565 -2.36 14.73 18.46
N TYR A 566 -2.60 14.50 17.17
CA TYR A 566 -2.83 13.14 16.68
C TYR A 566 -1.53 12.36 16.62
N GLN A 567 -1.66 11.04 16.80
CA GLN A 567 -0.64 10.13 16.31
C GLN A 567 -0.84 9.99 14.81
N CYS A 568 0.25 9.81 14.06
CA CYS A 568 0.10 9.78 12.61
C CYS A 568 1.33 9.20 11.94
N THR A 569 1.13 8.79 10.69
CA THR A 569 2.20 8.30 9.83
C THR A 569 1.72 8.33 8.39
N PHE A 570 2.64 8.03 7.48
CA PHE A 570 2.33 7.99 6.06
C PHE A 570 3.02 6.77 5.43
N GLY A 571 2.56 6.44 4.23
CA GLY A 571 3.17 5.37 3.47
C GLY A 571 2.55 5.33 2.09
N VAL A 572 3.11 4.46 1.25
CA VAL A 572 2.63 4.26 -0.12
C VAL A 572 2.23 2.81 -0.29
N LEU A 573 1.01 2.57 -0.76
CA LEU A 573 0.56 1.23 -1.03
C LEU A 573 0.36 1.02 -2.53
N GLN A 574 0.51 -0.22 -2.97
CA GLN A 574 0.25 -0.63 -4.35
C GLN A 574 -1.01 -1.49 -4.33
N ALA A 575 -2.08 -0.96 -4.94
CA ALA A 575 -3.39 -1.61 -4.86
C ALA A 575 -3.34 -3.04 -5.37
N GLY A 576 -2.51 -3.32 -6.38
CA GLY A 576 -2.43 -4.67 -6.93
C GLY A 576 -2.01 -5.70 -5.90
N GLN A 577 -1.28 -5.28 -4.86
CA GLN A 577 -0.87 -6.20 -3.82
C GLN A 577 -2.00 -6.57 -2.88
N TYR A 578 -3.21 -6.08 -3.11
CA TYR A 578 -4.31 -6.39 -2.23
C TYR A 578 -5.49 -7.02 -2.97
N GLY A 579 -5.30 -7.42 -4.22
CA GLY A 579 -6.25 -8.31 -4.84
C GLY A 579 -6.93 -7.82 -6.11
N VAL A 580 -6.39 -6.80 -6.76
CA VAL A 580 -6.88 -6.34 -8.06
C VAL A 580 -5.78 -6.52 -9.08
N ALA A 581 -6.18 -6.75 -10.33
CA ALA A 581 -5.27 -6.90 -11.47
C ALA A 581 -4.93 -5.55 -12.09
N GLN A 582 -4.34 -4.68 -11.27
CA GLN A 582 -4.14 -3.30 -11.67
C GLN A 582 -3.00 -2.72 -10.87
N THR A 583 -2.14 -1.95 -11.53
CA THR A 583 -1.11 -1.21 -10.81
C THR A 583 -1.66 0.17 -10.47
N ARG A 584 -1.71 0.47 -9.18
CA ARG A 584 -2.24 1.75 -8.72
C ARG A 584 -1.56 2.06 -7.39
N ARG A 585 -0.49 2.84 -7.43
CA ARG A 585 0.17 3.27 -6.20
C ARG A 585 -0.57 4.48 -5.64
N ARG A 586 -0.95 4.40 -4.36
CA ARG A 586 -1.61 5.51 -3.71
CA ARG A 586 -1.66 5.47 -3.67
C ARG A 586 -0.90 5.86 -2.41
N ALA A 587 -0.92 7.15 -2.09
CA ALA A 587 -0.35 7.66 -0.84
C ALA A 587 -1.41 7.63 0.25
N ILE A 588 -0.99 7.28 1.47
CA ILE A 588 -1.89 7.04 2.58
C ILE A 588 -1.33 7.74 3.81
N ILE A 589 -2.13 8.60 4.40
CA ILE A 589 -1.82 9.27 5.66
C ILE A 589 -2.82 8.76 6.69
N LEU A 590 -2.31 8.22 7.79
CA LEU A 590 -3.11 7.65 8.86
C LEU A 590 -2.91 8.46 10.14
N ALA A 591 -4.01 8.72 10.86
CA ALA A 591 -3.95 9.38 12.14
C ALA A 591 -4.88 8.68 13.12
N ALA A 592 -4.48 8.67 14.39
CA ALA A 592 -5.24 8.06 15.47
C ALA A 592 -5.22 8.98 16.68
N ALA A 593 -6.39 9.13 17.30
CA ALA A 593 -6.53 10.04 18.43
C ALA A 593 -5.68 9.56 19.62
N PRO A 594 -5.25 10.48 20.48
CA PRO A 594 -4.61 10.06 21.73
C PRO A 594 -5.53 9.14 22.51
N GLY A 595 -4.95 8.10 23.09
CA GLY A 595 -5.72 7.02 23.68
C GLY A 595 -6.01 5.88 22.74
N GLU A 596 -5.82 6.07 21.43
CA GLU A 596 -6.00 5.02 20.46
C GLU A 596 -4.66 4.39 20.15
N LYS A 597 -4.68 3.35 19.32
CA LYS A 597 -3.47 2.71 18.80
C LYS A 597 -3.33 3.09 17.33
N LEU A 598 -2.13 3.52 16.94
CA LEU A 598 -1.93 3.94 15.55
C LEU A 598 -1.87 2.73 14.64
N PRO A 599 -2.72 2.63 13.62
CA PRO A 599 -2.74 1.42 12.80
C PRO A 599 -1.43 1.20 12.09
N LEU A 600 -1.16 -0.06 11.78
CA LEU A 600 -0.09 -0.45 10.88
C LEU A 600 -0.60 -0.38 9.45
N PHE A 601 0.35 -0.35 8.50
CA PHE A 601 -0.05 -0.50 7.12
C PHE A 601 -0.23 -1.98 6.79
N PRO A 602 -1.18 -2.31 5.91
CA PRO A 602 -1.46 -3.72 5.65
C PRO A 602 -0.34 -4.41 4.90
N GLU A 603 -0.02 -5.63 5.34
CA GLU A 603 0.97 -6.42 4.63
C GLU A 603 0.40 -6.87 3.28
N PRO A 604 1.21 -6.89 2.23
CA PRO A 604 0.71 -7.34 0.92
C PRO A 604 0.15 -8.76 0.99
N LEU A 605 -0.95 -8.98 0.27
CA LEU A 605 -1.60 -10.27 0.20
C LEU A 605 -1.20 -11.05 -1.05
N HIS A 606 -1.10 -10.38 -2.19
CA HIS A 606 -0.77 -11.02 -3.46
C HIS A 606 0.60 -10.56 -3.93
N VAL A 607 1.37 -11.49 -4.50
CA VAL A 607 2.58 -11.10 -5.20
C VAL A 607 2.19 -10.22 -6.39
N PHE A 608 3.11 -9.35 -6.80
CA PHE A 608 2.84 -8.40 -7.87
C PHE A 608 4.17 -8.07 -8.54
N ALA A 609 4.08 -7.56 -9.76
CA ALA A 609 5.26 -7.16 -10.53
C ALA A 609 6.13 -6.23 -9.69
N PRO A 610 7.37 -6.61 -9.38
CA PRO A 610 8.16 -5.81 -8.43
C PRO A 610 8.35 -4.37 -8.85
N ARG A 611 8.47 -4.10 -10.16
CA ARG A 611 8.69 -2.72 -10.58
C ARG A 611 7.50 -1.83 -10.29
N ALA A 612 6.31 -2.41 -10.09
CA ALA A 612 5.15 -1.64 -9.69
C ALA A 612 5.02 -1.52 -8.17
N CYS A 613 6.05 -1.92 -7.42
CA CYS A 613 5.96 -1.98 -5.96
C CYS A 613 7.05 -1.18 -5.27
N GLN A 614 7.50 -0.10 -5.90
CA GLN A 614 8.45 0.81 -5.26
C GLN A 614 7.64 1.70 -4.32
N LEU A 615 7.66 1.38 -3.02
CA LEU A 615 6.85 2.07 -2.04
C LEU A 615 7.63 3.02 -1.15
N SER A 616 8.95 3.12 -1.31
CA SER A 616 9.74 3.98 -0.45
C SER A 616 9.56 5.43 -0.84
N VAL A 617 9.83 6.34 0.10
CA VAL A 617 9.62 7.77 -0.10
C VAL A 617 10.82 8.54 0.46
N VAL A 618 11.38 9.44 -0.34
CA VAL A 618 12.54 10.22 0.08
C VAL A 618 12.09 11.63 0.42
N VAL A 619 12.29 12.00 1.68
CA VAL A 619 11.98 13.33 2.20
C VAL A 619 13.27 13.92 2.77
N ASP A 620 13.72 15.02 2.19
CA ASP A 620 14.94 15.72 2.62
C ASP A 620 16.11 14.74 2.70
N ASP A 621 16.35 14.10 1.55
CA ASP A 621 17.32 13.01 1.36
C ASP A 621 17.38 12.06 2.54
N LYS A 622 16.21 11.74 3.11
CA LYS A 622 16.09 10.63 4.05
C LYS A 622 15.02 9.69 3.54
N LYS A 623 15.34 8.40 3.50
CA LYS A 623 14.45 7.40 2.92
C LYS A 623 13.56 6.81 4.01
N PHE A 624 12.25 6.91 3.81
CA PHE A 624 11.27 6.31 4.71
C PHE A 624 10.56 5.17 4.00
N VAL A 625 10.25 4.13 4.77
CA VAL A 625 9.47 2.99 4.34
C VAL A 625 8.36 2.78 5.37
N SER A 626 7.42 1.91 5.02
CA SER A 626 6.39 1.53 5.97
C SER A 626 6.81 0.29 6.74
N ASN A 627 5.96 -0.12 7.69
CA ASN A 627 6.17 -1.31 8.50
C ASN A 627 6.11 -2.59 7.69
N ILE A 628 5.83 -2.50 6.40
CA ILE A 628 5.61 -3.69 5.58
C ILE A 628 6.90 -4.51 5.51
N THR A 629 6.78 -5.82 5.75
CA THR A 629 7.92 -6.73 5.70
C THR A 629 7.88 -7.71 4.54
N ARG A 630 6.73 -7.89 3.90
CA ARG A 630 6.63 -8.76 2.73
C ARG A 630 7.12 -7.98 1.52
N LEU A 631 8.39 -8.18 1.18
CA LEU A 631 9.01 -7.47 0.07
C LEU A 631 9.26 -8.34 -1.16
N SER A 632 9.45 -9.64 -1.00
CA SER A 632 9.82 -10.48 -2.14
C SER A 632 8.80 -11.54 -2.49
N SER A 633 7.86 -11.86 -1.61
CA SER A 633 6.86 -12.88 -1.92
C SER A 633 5.57 -12.53 -1.20
N GLY A 634 4.65 -13.49 -1.12
CA GLY A 634 3.38 -13.29 -0.47
C GLY A 634 2.54 -14.55 -0.44
N PRO A 635 1.41 -14.51 0.28
CA PRO A 635 0.59 -15.72 0.46
C PRO A 635 -0.31 -16.08 -0.72
N PHE A 636 -0.73 -15.13 -1.55
CA PHE A 636 -1.68 -15.41 -2.62
C PHE A 636 -1.11 -15.06 -4.00
N ARG A 637 -1.48 -15.86 -4.99
CA ARG A 637 -1.04 -15.63 -6.35
C ARG A 637 -1.60 -14.31 -6.87
N THR A 638 -0.93 -13.77 -7.89
CA THR A 638 -1.34 -12.47 -8.40
C THR A 638 -2.63 -12.58 -9.18
N ILE A 639 -3.43 -11.52 -9.15
CA ILE A 639 -4.70 -11.46 -9.86
C ILE A 639 -4.43 -10.91 -11.26
N THR A 640 -4.92 -11.62 -12.28
CA THR A 640 -4.68 -11.28 -13.67
C THR A 640 -5.96 -10.77 -14.34
N VAL A 641 -5.77 -10.18 -15.52
CA VAL A 641 -6.91 -9.76 -16.35
C VAL A 641 -7.85 -10.92 -16.60
N ARG A 642 -7.31 -12.14 -16.69
CA ARG A 642 -8.16 -13.32 -16.85
C ARG A 642 -9.07 -13.49 -15.65
N ASP A 643 -8.48 -13.50 -14.44
CA ASP A 643 -9.27 -13.56 -13.21
C ASP A 643 -10.30 -12.45 -13.17
N THR A 644 -9.97 -11.31 -13.78
CA THR A 644 -10.78 -10.10 -13.67
C THR A 644 -11.99 -10.16 -14.57
N MET A 645 -11.82 -10.58 -15.82
CA MET A 645 -12.92 -10.44 -16.76
C MET A 645 -13.09 -11.57 -17.78
N SER A 646 -12.54 -12.78 -17.53
CA SER A 646 -12.75 -13.84 -18.50
C SER A 646 -14.21 -14.31 -18.59
N ASP A 647 -15.06 -13.93 -17.64
CA ASP A 647 -16.43 -14.41 -17.63
C ASP A 647 -17.41 -13.48 -18.34
N LEU A 648 -16.96 -12.30 -18.76
CA LEU A 648 -17.91 -11.34 -19.32
C LEU A 648 -18.18 -11.64 -20.79
N PRO A 649 -19.44 -11.60 -21.22
CA PRO A 649 -19.75 -11.94 -22.62
C PRO A 649 -19.22 -10.90 -23.60
N GLU A 650 -19.01 -11.38 -24.82
CA GLU A 650 -18.45 -10.56 -25.89
C GLU A 650 -19.43 -9.48 -26.33
N VAL A 651 -18.96 -8.23 -26.38
CA VAL A 651 -19.77 -7.10 -26.85
C VAL A 651 -18.98 -6.32 -27.89
N ARG A 652 -19.71 -5.53 -28.69
CA ARG A 652 -19.09 -4.77 -29.76
C ARG A 652 -18.64 -3.38 -29.29
N ASN A 653 -17.82 -2.74 -30.12
CA ASN A 653 -17.51 -1.33 -29.92
C ASN A 653 -18.79 -0.51 -29.83
N GLY A 654 -18.92 0.27 -28.76
CA GLY A 654 -20.12 1.07 -28.59
C GLY A 654 -21.28 0.34 -27.98
N ALA A 655 -21.05 -0.85 -27.42
CA ALA A 655 -22.08 -1.57 -26.70
C ALA A 655 -22.79 -0.64 -25.71
N SER A 656 -24.12 -0.65 -25.76
CA SER A 656 -24.94 0.24 -24.96
C SER A 656 -26.00 -0.47 -24.13
N ALA A 657 -26.25 -1.74 -24.37
CA ALA A 657 -27.21 -2.50 -23.58
C ALA A 657 -26.82 -2.52 -22.10
N LEU A 658 -27.65 -1.89 -21.26
CA LEU A 658 -27.33 -1.72 -19.84
C LEU A 658 -27.54 -2.98 -19.03
N GLU A 659 -28.45 -3.86 -19.45
CA GLU A 659 -28.75 -5.09 -18.72
C GLU A 659 -28.65 -6.24 -19.71
N ILE A 660 -27.61 -7.06 -19.58
CA ILE A 660 -27.47 -8.21 -20.47
C ILE A 660 -27.39 -9.48 -19.65
N SER A 661 -27.22 -10.61 -20.33
CA SER A 661 -27.06 -11.90 -19.66
C SER A 661 -25.58 -12.20 -19.45
N TYR A 662 -25.27 -12.81 -18.31
CA TYR A 662 -23.89 -13.23 -18.06
C TYR A 662 -23.49 -14.38 -18.98
N ASN A 663 -24.46 -15.16 -19.46
CA ASN A 663 -24.26 -16.34 -20.31
C ASN A 663 -23.48 -17.45 -19.62
N GLY A 664 -23.34 -17.41 -18.30
CA GLY A 664 -22.71 -18.51 -17.59
C GLY A 664 -22.27 -18.12 -16.20
N GLU A 665 -22.02 -19.15 -15.39
CA GLU A 665 -21.56 -18.95 -14.02
C GLU A 665 -20.19 -18.30 -13.99
N PRO A 666 -19.76 -17.76 -12.83
CA PRO A 666 -18.41 -17.21 -12.73
C PRO A 666 -17.35 -18.30 -12.87
N GLN A 667 -16.18 -17.91 -13.37
CA GLN A 667 -15.10 -18.83 -13.71
C GLN A 667 -13.96 -18.81 -12.71
N SER A 668 -13.59 -17.64 -12.18
CA SER A 668 -12.47 -17.51 -11.27
C SER A 668 -12.97 -17.21 -9.86
N TRP A 669 -12.08 -17.43 -8.89
CA TRP A 669 -12.36 -17.04 -7.51
C TRP A 669 -12.74 -15.57 -7.44
N PHE A 670 -11.98 -14.73 -8.14
CA PHE A 670 -12.23 -13.29 -8.14
C PHE A 670 -13.62 -12.97 -8.68
N GLN A 671 -14.02 -13.66 -9.75
CA GLN A 671 -15.35 -13.46 -10.31
C GLN A 671 -16.44 -13.95 -9.37
N ARG A 672 -16.20 -15.07 -8.68
CA ARG A 672 -17.17 -15.53 -7.68
C ARG A 672 -17.33 -14.49 -6.57
N GLN A 673 -16.21 -13.91 -6.12
CA GLN A 673 -16.27 -12.93 -5.04
C GLN A 673 -17.04 -11.70 -5.47
N LEU A 674 -16.73 -11.17 -6.67
CA LEU A 674 -17.37 -9.93 -7.09
C LEU A 674 -18.80 -10.13 -7.54
N ARG A 675 -19.16 -11.31 -8.02
CA ARG A 675 -20.56 -11.58 -8.32
C ARG A 675 -21.37 -11.86 -7.07
N GLY A 676 -20.75 -12.35 -6.00
CA GLY A 676 -21.43 -12.49 -4.75
C GLY A 676 -22.20 -13.79 -4.63
N ALA A 677 -22.86 -13.95 -3.47
CA ALA A 677 -23.54 -15.19 -3.15
C ALA A 677 -24.88 -15.30 -3.86
N GLN A 678 -25.74 -14.31 -3.69
CA GLN A 678 -27.07 -14.33 -4.31
C GLN A 678 -26.92 -14.31 -5.83
N TYR A 679 -27.58 -15.24 -6.49
CA TYR A 679 -27.49 -15.37 -7.94
C TYR A 679 -27.99 -14.10 -8.61
N GLN A 680 -27.23 -13.62 -9.61
CA GLN A 680 -27.51 -12.36 -10.28
C GLN A 680 -27.93 -12.62 -11.72
N PRO A 681 -29.21 -12.55 -12.05
CA PRO A 681 -29.63 -12.86 -13.43
C PRO A 681 -29.25 -11.78 -14.43
N ILE A 682 -28.80 -10.61 -14.01
CA ILE A 682 -28.53 -9.49 -14.91
C ILE A 682 -27.11 -8.98 -14.72
N LEU A 683 -26.37 -8.85 -15.82
CA LEU A 683 -25.09 -8.16 -15.83
C LEU A 683 -25.30 -6.71 -16.24
N ARG A 684 -24.87 -5.78 -15.40
CA ARG A 684 -25.13 -4.36 -15.59
CA ARG A 684 -25.12 -4.36 -15.57
C ARG A 684 -23.85 -3.62 -15.98
N ASP A 685 -24.03 -2.56 -16.76
CA ASP A 685 -22.97 -1.61 -17.13
C ASP A 685 -21.82 -2.28 -17.88
N HIS A 686 -22.08 -3.38 -18.57
CA HIS A 686 -21.09 -3.94 -19.49
C HIS A 686 -21.19 -3.23 -20.84
N ILE A 687 -20.97 -1.91 -20.79
CA ILE A 687 -21.07 -1.04 -21.95
C ILE A 687 -19.70 -0.44 -22.24
N CYS A 688 -19.46 -0.15 -23.52
N CYS A 688 -19.46 -0.13 -23.51
CA CYS A 688 -18.22 0.44 -24.00
CA CYS A 688 -18.20 0.51 -23.87
C CYS A 688 -18.51 1.71 -24.81
C CYS A 688 -18.46 1.65 -24.85
N LYS A 689 -17.51 2.58 -24.89
CA LYS A 689 -17.62 3.78 -25.71
C LYS A 689 -17.72 3.42 -27.19
N ASP A 690 -18.36 4.30 -27.95
CA ASP A 690 -18.53 4.11 -29.39
C ASP A 690 -17.47 4.95 -30.10
N MET A 691 -16.27 4.38 -30.21
CA MET A 691 -15.18 5.06 -30.87
C MET A 691 -15.48 5.21 -32.36
N SER A 692 -14.89 6.26 -32.96
CA SER A 692 -15.18 6.60 -34.34
C SER A 692 -14.77 5.47 -35.28
N ALA A 693 -15.13 5.62 -36.55
CA ALA A 693 -14.83 4.57 -37.53
C ALA A 693 -13.34 4.38 -37.70
N LEU A 694 -12.58 5.48 -37.70
CA LEU A 694 -11.12 5.39 -37.81
C LEU A 694 -10.51 4.68 -36.60
N VAL A 695 -10.96 5.06 -35.41
CA VAL A 695 -10.43 4.47 -34.19
C VAL A 695 -10.79 3.00 -34.13
N ALA A 696 -11.98 2.64 -34.61
CA ALA A 696 -12.41 1.25 -34.60
C ALA A 696 -11.57 0.43 -35.57
N ALA A 697 -11.30 0.96 -36.77
CA ALA A 697 -10.39 0.30 -37.69
C ALA A 697 -9.03 0.08 -37.04
N ARG A 698 -8.44 1.14 -36.48
CA ARG A 698 -7.16 1.01 -35.81
C ARG A 698 -7.18 -0.11 -34.78
N MET A 699 -8.18 -0.08 -33.89
CA MET A 699 -8.27 -1.10 -32.84
C MET A 699 -8.33 -2.50 -33.45
N ARG A 700 -9.19 -2.71 -34.43
CA ARG A 700 -9.27 -4.04 -35.00
C ARG A 700 -8.06 -4.40 -35.85
N HIS A 701 -7.12 -3.48 -36.04
CA HIS A 701 -5.84 -3.80 -36.68
C HIS A 701 -4.69 -3.85 -35.69
N ILE A 702 -4.96 -4.02 -34.40
CA ILE A 702 -3.93 -4.23 -33.39
C ILE A 702 -3.86 -5.72 -33.06
N PRO A 703 -2.69 -6.34 -33.13
CA PRO A 703 -2.61 -7.79 -32.94
C PRO A 703 -2.99 -8.21 -31.53
N LEU A 704 -3.36 -9.48 -31.41
CA LEU A 704 -3.81 -10.04 -30.14
C LEU A 704 -2.66 -10.50 -29.26
N ALA A 705 -1.45 -10.65 -29.82
CA ALA A 705 -0.32 -11.11 -29.03
C ALA A 705 0.02 -10.12 -27.92
N PRO A 706 0.54 -10.60 -26.80
CA PRO A 706 0.86 -9.69 -25.69
C PRO A 706 1.90 -8.65 -26.08
N GLY A 707 1.73 -7.44 -25.55
CA GLY A 707 2.59 -6.33 -25.87
C GLY A 707 2.26 -5.57 -27.14
N SER A 708 1.10 -5.81 -27.75
CA SER A 708 0.78 -5.17 -29.01
C SER A 708 0.20 -3.78 -28.80
N ASP A 709 0.64 -2.84 -29.63
CA ASP A 709 0.08 -1.49 -29.60
C ASP A 709 0.20 -0.89 -31.00
N TRP A 710 0.07 0.44 -31.09
CA TRP A 710 0.03 1.11 -32.38
C TRP A 710 1.24 0.77 -33.25
N ARG A 711 2.37 0.45 -32.63
CA ARG A 711 3.58 0.21 -33.40
C ARG A 711 3.48 -1.05 -34.25
N ASP A 712 2.52 -1.93 -33.98
CA ASP A 712 2.26 -3.10 -34.80
C ASP A 712 1.20 -2.85 -35.86
N LEU A 713 0.76 -1.61 -36.03
CA LEU A 713 -0.26 -1.32 -37.03
C LEU A 713 0.32 -1.52 -38.43
N PRO A 714 -0.45 -2.07 -39.35
CA PRO A 714 -0.01 -2.13 -40.75
C PRO A 714 -0.24 -0.80 -41.44
N ASN A 715 0.61 -0.51 -42.43
CA ASN A 715 0.50 0.73 -43.20
C ASN A 715 -0.26 0.41 -44.49
N ILE A 716 -1.59 0.41 -44.38
CA ILE A 716 -2.46 0.04 -45.49
C ILE A 716 -3.62 1.03 -45.57
N GLU A 717 -4.21 1.11 -46.76
CA GLU A 717 -5.52 1.74 -46.91
C GLU A 717 -6.60 0.79 -46.45
N VAL A 718 -7.60 1.31 -45.73
CA VAL A 718 -8.74 0.51 -45.31
C VAL A 718 -10.01 1.34 -45.43
N ARG A 719 -11.09 0.69 -45.88
CA ARG A 719 -12.39 1.34 -45.96
C ARG A 719 -13.10 1.22 -44.63
N LEU A 720 -13.69 2.32 -44.17
CA LEU A 720 -14.27 2.41 -42.85
C LEU A 720 -15.77 2.15 -42.92
N SER A 721 -16.36 1.90 -41.74
CA SER A 721 -17.78 1.55 -41.68
C SER A 721 -18.67 2.63 -42.27
N ASP A 722 -18.23 3.89 -42.20
CA ASP A 722 -18.97 5.00 -42.79
C ASP A 722 -18.62 5.22 -44.26
N GLY A 723 -18.01 4.24 -44.91
CA GLY A 723 -17.67 4.34 -46.31
C GLY A 723 -16.46 5.21 -46.63
N THR A 724 -15.97 5.99 -45.68
CA THR A 724 -14.80 6.82 -45.89
C THR A 724 -13.55 5.93 -45.97
N MET A 725 -12.41 6.56 -46.24
CA MET A 725 -11.18 5.83 -46.47
C MET A 725 -10.13 6.22 -45.44
N ALA A 726 -9.20 5.30 -45.18
CA ALA A 726 -8.04 5.54 -44.33
C ALA A 726 -6.80 5.24 -45.14
N ARG A 727 -5.93 6.24 -45.28
CA ARG A 727 -4.83 6.22 -46.24
C ARG A 727 -3.54 5.75 -45.59
N LYS A 728 -2.57 5.41 -46.44
N LYS A 728 -2.57 5.41 -46.44
CA LYS A 728 -1.24 5.03 -45.98
CA LYS A 728 -1.25 5.03 -45.96
C LYS A 728 -0.54 6.24 -45.36
C LYS A 728 -0.54 6.23 -45.35
N LEU A 729 0.32 5.96 -44.38
CA LEU A 729 1.19 6.96 -43.80
C LEU A 729 2.47 6.97 -44.61
N ARG A 730 2.73 8.06 -45.32
CA ARG A 730 3.92 8.18 -46.16
C ARG A 730 5.05 8.85 -45.39
N TYR A 731 6.27 8.38 -45.62
CA TYR A 731 7.45 8.84 -44.88
C TYR A 731 8.22 9.84 -45.72
N THR A 732 8.33 11.06 -45.21
CA THR A 732 8.67 12.24 -46.00
C THR A 732 9.96 12.93 -45.59
N HIS A 733 10.62 12.48 -44.52
CA HIS A 733 11.82 13.14 -44.04
C HIS A 733 12.78 12.10 -43.46
N HIS A 734 14.07 12.42 -43.50
CA HIS A 734 15.12 11.51 -43.06
C HIS A 734 15.40 11.75 -41.59
N ASP A 735 15.06 10.77 -40.75
CA ASP A 735 15.40 10.80 -39.33
C ASP A 735 16.78 10.19 -39.15
N ARG A 736 17.81 11.03 -39.09
CA ARG A 736 19.17 10.52 -38.96
C ARG A 736 19.36 9.76 -37.65
N LYS A 737 18.56 10.09 -36.62
CA LYS A 737 18.67 9.37 -35.35
C LYS A 737 18.13 7.94 -35.47
N ASN A 738 16.96 7.79 -36.09
CA ASN A 738 16.35 6.47 -36.24
C ASN A 738 16.72 5.75 -37.52
N GLY A 739 17.26 6.47 -38.51
CA GLY A 739 17.75 5.85 -39.72
C GLY A 739 16.70 5.61 -40.80
N ARG A 740 16.87 4.51 -41.54
CA ARG A 740 15.98 4.16 -42.63
C ARG A 740 15.61 2.69 -42.53
N SER A 741 14.59 2.30 -43.28
CA SER A 741 14.08 0.94 -43.26
C SER A 741 15.04 -0.02 -43.97
N SER A 742 14.84 -1.31 -43.73
CA SER A 742 15.58 -2.33 -44.47
C SER A 742 15.35 -2.21 -45.97
N SER A 743 14.21 -1.64 -46.37
CA SER A 743 13.96 -1.33 -47.78
C SER A 743 14.60 -0.03 -48.22
N GLY A 744 15.15 0.75 -47.29
CA GLY A 744 15.75 2.03 -47.62
C GLY A 744 14.82 3.22 -47.47
N ALA A 745 13.60 3.02 -46.98
CA ALA A 745 12.63 4.09 -46.86
C ALA A 745 12.94 4.97 -45.66
N LEU A 746 12.52 6.24 -45.74
CA LEU A 746 12.71 7.17 -44.64
C LEU A 746 11.81 6.80 -43.46
N ARG A 747 12.12 7.36 -42.30
CA ARG A 747 11.40 7.06 -41.08
C ARG A 747 10.84 8.30 -40.40
N GLY A 748 10.96 9.47 -41.02
CA GLY A 748 10.43 10.72 -40.47
C GLY A 748 9.20 11.16 -41.24
N VAL A 749 8.22 11.69 -40.51
CA VAL A 749 6.96 12.14 -41.11
C VAL A 749 6.80 13.65 -41.02
N CYS A 750 7.86 14.39 -40.66
CA CYS A 750 7.76 15.83 -40.58
C CYS A 750 9.15 16.45 -40.56
N SER A 751 9.23 17.69 -41.06
CA SER A 751 10.50 18.39 -41.15
C SER A 751 11.19 18.54 -39.80
N CYS A 752 10.41 18.59 -38.72
CA CYS A 752 10.98 18.72 -37.38
C CYS A 752 11.88 17.55 -37.01
N VAL A 753 11.90 16.47 -37.81
CA VAL A 753 12.84 15.39 -37.58
C VAL A 753 14.28 15.81 -37.84
N GLU A 754 14.48 16.94 -38.51
CA GLU A 754 15.83 17.49 -38.74
C GLU A 754 16.33 18.11 -37.44
N ALA A 755 17.51 18.74 -37.50
CA ALA A 755 18.17 19.26 -36.31
C ALA A 755 17.33 20.32 -35.60
N GLY A 756 17.12 21.47 -36.24
CA GLY A 756 16.36 22.54 -35.65
C GLY A 756 15.18 22.99 -36.48
N LYS A 757 14.94 22.33 -37.60
CA LYS A 757 13.83 22.69 -38.47
C LYS A 757 12.51 22.52 -37.73
N ALA A 758 11.56 23.41 -38.04
CA ALA A 758 10.26 23.43 -37.39
C ALA A 758 9.24 22.66 -38.22
N CYS A 759 8.05 22.49 -37.64
CA CYS A 759 7.00 21.70 -38.26
C CYS A 759 6.47 22.40 -39.50
N ASP A 760 6.74 21.82 -40.67
CA ASP A 760 6.09 22.24 -41.91
C ASP A 760 4.64 21.76 -41.89
N PRO A 761 3.65 22.65 -41.92
CA PRO A 761 2.25 22.18 -41.86
C PRO A 761 1.88 21.24 -43.01
N ALA A 762 2.45 21.43 -44.19
CA ALA A 762 2.17 20.54 -45.31
C ALA A 762 2.62 19.11 -45.03
N ALA A 763 3.53 18.91 -44.07
CA ALA A 763 3.95 17.56 -43.71
C ALA A 763 2.91 16.83 -42.87
N ARG A 764 1.94 17.54 -42.29
CA ARG A 764 0.91 16.87 -41.51
C ARG A 764 -0.01 16.09 -42.44
N GLN A 765 -0.27 14.84 -42.09
CA GLN A 765 -1.14 13.96 -42.85
C GLN A 765 -2.36 13.60 -42.01
N PHE A 766 -3.49 13.38 -42.69
CA PHE A 766 -4.77 13.16 -42.03
C PHE A 766 -5.33 11.78 -42.37
N ASN A 767 -6.16 11.27 -41.46
CA ASN A 767 -6.92 10.03 -41.69
C ASN A 767 -6.00 8.88 -42.09
N THR A 768 -4.83 8.84 -41.47
CA THR A 768 -3.92 7.71 -41.59
C THR A 768 -4.27 6.67 -40.54
N LEU A 769 -4.22 5.41 -40.93
CA LEU A 769 -4.47 4.34 -39.96
C LEU A 769 -3.46 4.42 -38.81
N ILE A 770 -2.18 4.50 -39.14
CA ILE A 770 -1.15 4.85 -38.18
C ILE A 770 -1.31 6.32 -37.86
N PRO A 771 -1.71 6.70 -36.65
CA PRO A 771 -1.89 8.12 -36.33
C PRO A 771 -0.58 8.88 -36.54
N TRP A 772 -0.68 10.04 -37.19
CA TRP A 772 0.52 10.77 -37.61
C TRP A 772 1.30 11.33 -36.42
N CYS A 773 0.57 11.80 -35.39
CA CYS A 773 1.24 12.47 -34.28
C CYS A 773 2.13 11.53 -33.48
N LEU A 774 1.87 10.22 -33.50
CA LEU A 774 2.68 9.31 -32.70
C LEU A 774 4.09 9.16 -33.26
N PRO A 775 4.31 8.89 -34.55
CA PRO A 775 5.68 9.02 -35.08
C PRO A 775 6.18 10.44 -35.05
N HIS A 776 5.28 11.42 -35.20
CA HIS A 776 5.69 12.82 -35.21
C HIS A 776 6.49 13.17 -33.95
N THR A 777 5.95 12.83 -32.78
CA THR A 777 6.62 13.19 -31.54
C THR A 777 7.07 11.99 -30.71
N GLY A 778 7.24 10.82 -31.34
CA GLY A 778 7.55 9.61 -30.60
C GLY A 778 8.96 9.50 -30.11
N ASN A 779 9.91 10.18 -30.75
CA ASN A 779 11.30 10.12 -30.32
C ASN A 779 11.50 10.67 -28.92
N ARG A 780 10.61 11.56 -28.46
CA ARG A 780 10.75 12.18 -27.14
C ARG A 780 9.64 11.76 -26.20
N HIS A 781 8.93 10.67 -26.50
CA HIS A 781 7.88 10.16 -25.62
C HIS A 781 7.95 8.65 -25.51
N ASN A 782 9.16 8.09 -25.58
CA ASN A 782 9.39 6.65 -25.55
C ASN A 782 8.48 5.94 -26.56
N HIS A 783 8.49 6.48 -27.78
CA HIS A 783 7.75 5.91 -28.90
C HIS A 783 6.29 5.68 -28.56
N TRP A 784 5.78 6.49 -27.63
CA TRP A 784 4.39 6.39 -27.17
C TRP A 784 4.00 4.92 -26.94
N ALA A 785 4.87 4.20 -26.24
CA ALA A 785 4.56 2.80 -25.94
C ALA A 785 3.25 2.72 -25.16
N GLY A 786 2.40 1.76 -25.54
CA GLY A 786 1.17 1.48 -24.85
C GLY A 786 -0.07 2.09 -25.48
N LEU A 787 0.10 3.12 -26.31
CA LEU A 787 -1.06 3.71 -26.97
C LEU A 787 -1.66 2.73 -27.96
N TYR A 788 -3.00 2.62 -27.93
CA TYR A 788 -3.72 1.59 -28.67
C TYR A 788 -3.21 0.20 -28.29
N GLY A 789 -2.85 0.03 -27.02
CA GLY A 789 -2.31 -1.24 -26.54
C GLY A 789 -3.38 -2.15 -25.97
N ARG A 790 -3.21 -3.45 -26.22
CA ARG A 790 -4.13 -4.45 -25.69
C ARG A 790 -3.67 -4.94 -24.32
N LEU A 791 -4.65 -5.24 -23.47
CA LEU A 791 -4.34 -5.93 -22.24
C LEU A 791 -3.97 -7.39 -22.53
N GLU A 792 -3.30 -7.99 -21.56
CA GLU A 792 -2.84 -9.35 -21.63
C GLU A 792 -3.62 -10.18 -20.61
N TRP A 793 -4.07 -11.38 -21.02
CA TRP A 793 -4.86 -12.18 -20.09
C TRP A 793 -4.07 -12.52 -18.84
N ASP A 794 -2.79 -12.84 -19.00
CA ASP A 794 -1.95 -13.18 -17.86
C ASP A 794 -1.44 -11.95 -17.11
N GLY A 795 -1.65 -10.75 -17.65
CA GLY A 795 -1.12 -9.54 -17.08
C GLY A 795 -2.11 -8.76 -16.26
N PHE A 796 -1.84 -7.46 -16.09
CA PHE A 796 -2.68 -6.60 -15.28
C PHE A 796 -3.00 -5.32 -16.02
N PHE A 797 -3.98 -4.59 -15.46
CA PHE A 797 -4.34 -3.26 -15.94
C PHE A 797 -3.27 -2.26 -15.54
N SER A 798 -3.00 -1.30 -16.43
CA SER A 798 -2.41 -0.06 -15.99
C SER A 798 -3.47 0.74 -15.24
N THR A 799 -3.04 1.83 -14.60
CA THR A 799 -3.92 2.57 -13.70
C THR A 799 -5.26 2.88 -14.36
N THR A 800 -6.33 2.37 -13.76
CA THR A 800 -7.67 2.60 -14.30
C THR A 800 -8.02 4.07 -14.20
N VAL A 801 -8.24 4.72 -15.34
CA VAL A 801 -8.42 6.16 -15.37
C VAL A 801 -9.90 6.46 -15.66
N THR A 802 -10.25 7.75 -15.53
CA THR A 802 -11.64 8.16 -15.54
C THR A 802 -12.26 8.05 -16.93
N ASN A 803 -11.45 8.12 -17.99
CA ASN A 803 -11.96 8.08 -19.36
C ASN A 803 -10.98 7.34 -20.25
N PRO A 804 -11.17 6.04 -20.45
CA PRO A 804 -10.22 5.27 -21.28
C PRO A 804 -10.18 5.78 -22.71
N GLU A 805 -9.01 6.29 -23.12
CA GLU A 805 -8.79 6.80 -24.46
C GLU A 805 -7.53 6.14 -25.02
N PRO A 806 -7.60 5.47 -26.18
CA PRO A 806 -6.44 4.73 -26.67
C PRO A 806 -5.27 5.60 -27.09
N MET A 807 -5.48 6.88 -27.39
CA MET A 807 -4.38 7.78 -27.76
C MET A 807 -4.09 8.79 -26.65
N GLY A 808 -4.58 8.57 -25.45
CA GLY A 808 -4.34 9.45 -24.33
C GLY A 808 -3.11 9.05 -23.54
N LYS A 809 -3.06 9.52 -22.30
CA LYS A 809 -1.91 9.25 -21.43
C LYS A 809 -1.77 7.74 -21.19
N GLN A 810 -2.75 7.15 -20.51
CA GLN A 810 -2.75 5.72 -20.22
C GLN A 810 -3.62 5.04 -21.28
N GLY A 811 -2.98 4.74 -22.42
CA GLY A 811 -3.67 4.28 -23.60
C GLY A 811 -3.73 2.79 -23.80
N ARG A 812 -3.37 1.99 -22.80
CA ARG A 812 -3.42 0.54 -22.92
C ARG A 812 -4.78 0.05 -22.40
N VAL A 813 -5.80 0.32 -23.22
CA VAL A 813 -7.20 0.18 -22.81
C VAL A 813 -7.98 -0.72 -23.75
N LEU A 814 -7.31 -1.36 -24.71
CA LEU A 814 -7.96 -2.28 -25.63
C LEU A 814 -8.16 -3.65 -24.97
N HIS A 815 -9.25 -4.30 -25.34
CA HIS A 815 -9.56 -5.64 -24.86
C HIS A 815 -8.52 -6.63 -25.38
N PRO A 816 -8.23 -7.69 -24.61
CA PRO A 816 -7.21 -8.65 -25.07
C PRO A 816 -7.54 -9.29 -26.41
N GLU A 817 -8.79 -9.48 -26.72
CA GLU A 817 -9.13 -10.09 -28.00
C GLU A 817 -10.15 -9.30 -28.81
N GLN A 818 -11.14 -8.69 -28.15
CA GLN A 818 -12.17 -7.99 -28.87
C GLN A 818 -11.70 -6.60 -29.29
N HIS A 819 -12.21 -6.13 -30.42
CA HIS A 819 -11.72 -4.91 -31.05
C HIS A 819 -12.49 -3.70 -30.52
N ARG A 820 -12.24 -3.40 -29.24
CA ARG A 820 -12.97 -2.35 -28.56
C ARG A 820 -12.17 -1.88 -27.36
N VAL A 821 -12.61 -0.76 -26.81
CA VAL A 821 -12.10 -0.29 -25.53
C VAL A 821 -12.72 -1.12 -24.42
N VAL A 822 -11.97 -1.26 -23.33
CA VAL A 822 -12.41 -1.96 -22.13
C VAL A 822 -13.73 -1.35 -21.65
N SER A 823 -14.61 -2.17 -21.08
CA SER A 823 -15.95 -1.71 -20.75
C SER A 823 -16.01 -1.12 -19.35
N VAL A 824 -17.16 -0.51 -19.03
CA VAL A 824 -17.36 0.05 -17.71
C VAL A 824 -17.29 -1.05 -16.65
N ARG A 825 -17.99 -2.17 -16.90
CA ARG A 825 -17.96 -3.28 -15.98
C ARG A 825 -16.54 -3.83 -15.83
N GLU A 826 -15.79 -3.86 -16.93
CA GLU A 826 -14.41 -4.37 -16.88
C GLU A 826 -13.52 -3.45 -16.06
N CYS A 827 -13.69 -2.14 -16.22
CA CYS A 827 -12.97 -1.19 -15.38
C CYS A 827 -13.33 -1.37 -13.92
N ALA A 828 -14.63 -1.54 -13.63
CA ALA A 828 -15.05 -1.76 -12.25
C ALA A 828 -14.41 -3.02 -11.68
N ARG A 829 -14.37 -4.09 -12.49
CA ARG A 829 -13.68 -5.30 -12.07
C ARG A 829 -12.21 -5.04 -11.78
N SER A 830 -11.56 -4.22 -12.61
CA SER A 830 -10.16 -3.88 -12.38
C SER A 830 -9.99 -3.08 -11.10
N GLN A 831 -11.01 -2.32 -10.70
CA GLN A 831 -10.98 -1.62 -9.42
C GLN A 831 -11.44 -2.48 -8.26
N GLY A 832 -11.93 -3.69 -8.52
CA GLY A 832 -12.40 -4.55 -7.46
C GLY A 832 -13.79 -4.23 -6.96
N PHE A 833 -14.63 -3.57 -7.75
CA PHE A 833 -16.00 -3.32 -7.35
C PHE A 833 -16.82 -4.61 -7.42
N PRO A 834 -17.70 -4.85 -6.45
CA PRO A 834 -18.72 -5.88 -6.63
C PRO A 834 -19.60 -5.54 -7.83
N ASP A 835 -20.08 -6.58 -8.52
CA ASP A 835 -20.94 -6.36 -9.68
C ASP A 835 -22.25 -5.71 -9.30
N THR A 836 -22.67 -5.83 -8.04
CA THR A 836 -23.88 -5.17 -7.59
C THR A 836 -23.67 -3.71 -7.24
N TYR A 837 -22.47 -3.17 -7.39
CA TYR A 837 -22.25 -1.79 -6.99
C TYR A 837 -22.82 -0.88 -8.07
N ARG A 838 -23.90 -0.18 -7.73
CA ARG A 838 -24.61 0.65 -8.70
C ARG A 838 -23.80 1.90 -9.03
N LEU A 839 -23.78 2.24 -10.31
CA LEU A 839 -23.23 3.50 -10.81
C LEU A 839 -24.37 4.38 -11.28
N PHE A 840 -24.04 5.58 -11.75
CA PHE A 840 -25.08 6.53 -12.10
C PHE A 840 -24.61 7.46 -13.21
N GLY A 841 -25.50 7.72 -14.14
CA GLY A 841 -25.25 8.67 -15.20
C GLY A 841 -25.07 8.00 -16.55
N ASN A 842 -24.48 8.75 -17.48
CA ASN A 842 -24.15 8.20 -18.78
C ASN A 842 -22.85 7.39 -18.67
N ILE A 843 -22.38 6.91 -19.82
CA ILE A 843 -21.25 5.98 -19.79
C ILE A 843 -19.98 6.70 -19.36
N LEU A 844 -19.81 7.97 -19.74
CA LEU A 844 -18.62 8.71 -19.33
C LEU A 844 -18.67 9.04 -17.85
N ASP A 845 -19.85 9.39 -17.33
CA ASP A 845 -20.01 9.54 -15.88
C ASP A 845 -19.63 8.25 -15.15
N LYS A 846 -20.04 7.10 -15.68
CA LYS A 846 -19.78 5.86 -14.97
C LYS A 846 -18.31 5.48 -15.03
N HIS A 847 -17.69 5.64 -16.20
CA HIS A 847 -16.25 5.47 -16.32
C HIS A 847 -15.51 6.35 -15.32
N ARG A 848 -16.00 7.58 -15.12
CA ARG A 848 -15.32 8.51 -14.23
C ARG A 848 -15.51 8.09 -12.77
N GLN A 849 -16.74 7.69 -12.41
CA GLN A 849 -17.01 7.16 -11.08
C GLN A 849 -16.07 6.01 -10.75
N VAL A 850 -15.89 5.09 -11.69
CA VAL A 850 -14.98 3.97 -11.45
C VAL A 850 -13.54 4.46 -11.36
N GLY A 851 -13.14 5.37 -12.24
CA GLY A 851 -11.75 5.78 -12.28
C GLY A 851 -11.31 6.55 -11.06
N ASN A 852 -12.18 7.40 -10.54
CA ASN A 852 -11.86 8.24 -9.39
C ASN A 852 -11.82 7.46 -8.08
N ALA A 853 -12.29 6.24 -8.06
CA ALA A 853 -12.59 5.58 -6.79
C ALA A 853 -11.35 4.90 -6.22
N VAL A 854 -11.36 4.72 -4.91
CA VAL A 854 -10.36 3.86 -4.27
C VAL A 854 -10.80 2.41 -4.45
N PRO A 855 -9.91 1.52 -4.88
CA PRO A 855 -10.26 0.11 -5.00
C PRO A 855 -10.66 -0.47 -3.66
N PRO A 856 -11.89 -0.97 -3.56
CA PRO A 856 -12.40 -1.50 -2.30
C PRO A 856 -11.48 -2.53 -1.65
N PRO A 857 -10.81 -3.42 -2.39
CA PRO A 857 -9.88 -4.33 -1.70
C PRO A 857 -8.79 -3.61 -0.93
N LEU A 858 -8.23 -2.54 -1.51
CA LEU A 858 -7.25 -1.72 -0.80
C LEU A 858 -7.87 -1.06 0.42
N ALA A 859 -9.04 -0.45 0.23
CA ALA A 859 -9.72 0.19 1.36
C ALA A 859 -10.00 -0.83 2.47
N LYS A 860 -10.37 -2.05 2.09
CA LYS A 860 -10.67 -3.10 3.06
C LYS A 860 -9.44 -3.51 3.86
N ALA A 861 -8.29 -3.64 3.19
CA ALA A 861 -7.06 -3.98 3.91
C ALA A 861 -6.74 -2.91 4.96
N ILE A 862 -6.75 -1.64 4.54
CA ILE A 862 -6.51 -0.56 5.49
C ILE A 862 -7.51 -0.65 6.64
N GLY A 863 -8.78 -0.92 6.32
CA GLY A 863 -9.80 -0.98 7.35
C GLY A 863 -9.56 -2.11 8.32
N LEU A 864 -9.04 -3.24 7.84
CA LEU A 864 -8.77 -4.36 8.76
C LEU A 864 -7.66 -3.98 9.74
N GLU A 865 -6.68 -3.20 9.29
CA GLU A 865 -5.68 -2.67 10.23
C GLU A 865 -6.34 -1.76 11.27
N ILE A 866 -7.22 -0.88 10.82
CA ILE A 866 -7.97 -0.04 11.76
C ILE A 866 -8.75 -0.90 12.74
N LYS A 867 -9.31 -2.01 12.27
CA LYS A 867 -10.08 -2.89 13.15
C LYS A 867 -9.18 -3.52 14.20
N LEU A 868 -7.97 -3.92 13.80
CA LEU A 868 -7.00 -4.43 14.77
C LEU A 868 -6.84 -3.42 15.90
N CYS A 869 -6.68 -2.14 15.54
CA CYS A 869 -6.52 -1.13 16.58
C CYS A 869 -7.78 -0.99 17.43
N MET A 870 -8.96 -1.05 16.79
CA MET A 870 -10.20 -0.94 17.54
C MET A 870 -10.34 -2.05 18.56
N LEU A 871 -9.95 -3.27 18.18
CA LEU A 871 -10.05 -4.43 19.07
C LEU A 871 -8.99 -4.42 20.16
N ALA A 872 -7.80 -3.88 19.88
CA ALA A 872 -6.70 -3.92 20.83
C ALA A 872 -6.61 -2.66 21.69
N LYS A 873 -7.72 -1.95 21.88
CA LYS A 873 -7.69 -0.71 22.65
C LYS A 873 -7.72 -1.01 24.15
N ALA A 874 -6.93 -0.26 24.91
CA ALA A 874 -6.87 -0.40 26.36
C ALA A 874 -8.20 -0.04 27.03
#